data_8IDU
#
_entry.id   8IDU
#
_cell.length_a   150.641
_cell.length_b   165.275
_cell.length_c   106.531
_cell.angle_alpha   90.00
_cell.angle_beta   90.00
_cell.angle_gamma   90.00
#
_symmetry.space_group_name_H-M   'C 2 2 21'
#
loop_
_entity.id
_entity.type
_entity.pdbx_description
1 polymer '3-dehydroquinate dehydratase'
2 non-polymer 'SULFATE ION'
3 non-polymer '1,3,4-TRIHYDROXY-5-OXO-CYCLOHEXANECARBOXYLIC ACID'
4 non-polymer GLYCEROL
5 water water
#
_entity_poly.entity_id   1
_entity_poly.type   'polypeptide(L)'
_entity_poly.pdbx_seq_one_letter_code
;MPGKILLLNGPNLNMLGKAEPDIYGHDTLEDVVALATAEAAKHGLEVEALQSNHEGELIDALHNARGTHIGCVINPGGLT
HTSVALLDAVKASELPTVEVHISNPHAREEFRHHSYISLAAVSVIAGAGIQGYRFAVDILANLKKLEHHHHHH
;
_entity_poly.pdbx_strand_id   A,B,C,D,E,F
#
loop_
_chem_comp.id
_chem_comp.type
_chem_comp.name
_chem_comp.formula
DQA non-polymer '1,3,4-TRIHYDROXY-5-OXO-CYCLOHEXANECARBOXYLIC ACID' 'C7 H10 O6'
GOL non-polymer GLYCEROL 'C3 H8 O3'
SO4 non-polymer 'SULFATE ION' 'O4 S -2'
#
# COMPACT_ATOMS: atom_id res chain seq x y z
N PRO A 2 -16.98 33.10 -27.41
CA PRO A 2 -17.60 32.01 -28.12
C PRO A 2 -17.04 30.67 -27.63
N GLY A 3 -17.59 29.57 -28.12
CA GLY A 3 -17.15 28.27 -27.62
C GLY A 3 -18.26 27.37 -27.11
N LYS A 4 -17.90 26.14 -26.76
CA LYS A 4 -18.85 25.11 -26.31
C LYS A 4 -18.45 24.59 -24.92
N ILE A 5 -19.41 24.42 -24.04
CA ILE A 5 -19.20 23.84 -22.69
C ILE A 5 -19.69 22.39 -22.69
N LEU A 6 -18.91 21.49 -22.11
CA LEU A 6 -19.37 20.10 -21.96
C LEU A 6 -20.13 19.98 -20.63
N LEU A 7 -21.39 19.61 -20.72
CA LEU A 7 -22.19 19.37 -19.50
C LEU A 7 -22.36 17.86 -19.32
N LEU A 8 -21.81 17.33 -18.24
CA LEU A 8 -21.85 15.87 -18.00
C LEU A 8 -22.65 15.56 -16.73
N ASN A 9 -23.62 14.69 -16.86
CA ASN A 9 -24.42 14.23 -15.70
C ASN A 9 -24.22 12.71 -15.58
N GLY A 10 -23.88 12.28 -14.39
CA GLY A 10 -23.59 10.87 -14.19
C GLY A 10 -24.79 10.00 -13.87
N PRO A 11 -24.54 8.81 -13.31
CA PRO A 11 -25.60 7.87 -13.03
C PRO A 11 -26.77 8.35 -12.16
N ASN A 12 -28.00 7.97 -12.53
CA ASN A 12 -29.22 8.26 -11.74
C ASN A 12 -29.79 9.68 -11.99
N LEU A 13 -29.00 10.59 -12.56
CA LEU A 13 -29.47 11.98 -12.84
C LEU A 13 -30.66 11.98 -13.83
N ASN A 14 -30.74 10.96 -14.69
CA ASN A 14 -31.91 10.79 -15.60
C ASN A 14 -33.20 10.68 -14.77
N MET A 15 -33.07 10.22 -13.53
CA MET A 15 -34.25 10.03 -12.63
C MET A 15 -34.62 11.30 -11.85
N LEU A 16 -33.97 12.43 -12.17
CA LEU A 16 -34.24 13.68 -11.42
C LEU A 16 -35.75 14.02 -11.53
N GLY A 17 -36.35 14.38 -10.41
CA GLY A 17 -37.80 14.64 -10.36
C GLY A 17 -38.58 13.44 -9.86
N LYS A 18 -38.01 12.24 -9.98
CA LYS A 18 -38.66 10.98 -9.54
C LYS A 18 -37.90 10.35 -8.36
N ALA A 19 -36.58 10.42 -8.40
CA ALA A 19 -35.75 9.84 -7.32
C ALA A 19 -35.68 10.76 -6.09
N GLU A 20 -35.99 10.22 -4.91
CA GLU A 20 -35.82 10.95 -3.62
C GLU A 20 -36.08 12.45 -3.76
N PRO A 21 -37.30 12.87 -4.14
CA PRO A 21 -37.60 14.29 -4.39
C PRO A 21 -37.42 15.18 -3.15
N ASP A 22 -37.52 14.61 -1.95
CA ASP A 22 -37.25 15.36 -0.70
C ASP A 22 -35.79 15.83 -0.64
N ILE A 23 -34.89 15.11 -1.30
CA ILE A 23 -33.44 15.46 -1.33
C ILE A 23 -33.08 16.19 -2.64
N TYR A 24 -33.60 15.75 -3.78
CA TYR A 24 -33.15 16.29 -5.09
C TYR A 24 -34.16 17.23 -5.79
N GLY A 25 -35.36 17.37 -5.24
CA GLY A 25 -36.34 18.29 -5.82
C GLY A 25 -37.23 17.71 -6.92
N HIS A 26 -38.03 18.55 -7.56
CA HIS A 26 -39.04 18.09 -8.56
C HIS A 26 -38.68 18.51 -9.99
N ASP A 27 -37.54 19.17 -10.19
CA ASP A 27 -37.10 19.49 -11.57
C ASP A 27 -36.56 18.24 -12.27
N THR A 28 -36.54 18.26 -13.60
CA THR A 28 -36.06 17.12 -14.40
C THR A 28 -34.65 17.37 -14.93
N LEU A 29 -34.02 16.34 -15.48
CA LEU A 29 -32.72 16.50 -16.14
C LEU A 29 -32.83 17.44 -17.36
N GLU A 30 -33.97 17.39 -18.06
CA GLU A 30 -34.21 18.28 -19.23
C GLU A 30 -34.26 19.76 -18.75
N ASP A 31 -34.82 20.02 -17.57
CA ASP A 31 -34.80 21.39 -16.99
C ASP A 31 -33.35 21.84 -16.72
N VAL A 32 -32.55 20.93 -16.19
CA VAL A 32 -31.11 21.23 -15.95
C VAL A 32 -30.46 21.63 -17.28
N VAL A 33 -30.64 20.79 -18.30
CA VAL A 33 -29.99 21.07 -19.62
C VAL A 33 -30.48 22.42 -20.18
N ALA A 34 -31.79 22.64 -20.14
CA ALA A 34 -32.39 23.91 -20.64
C ALA A 34 -31.79 25.10 -19.90
N LEU A 35 -31.71 24.99 -18.58
CA LEU A 35 -31.19 26.10 -17.75
C LEU A 35 -29.73 26.40 -18.12
N ALA A 36 -28.91 25.36 -18.24
CA ALA A 36 -27.46 25.54 -18.58
C ALA A 36 -27.33 26.17 -19.98
N THR A 37 -28.15 25.70 -20.91
CA THR A 37 -28.12 26.16 -22.32
C THR A 37 -28.47 27.65 -22.37
N ALA A 38 -29.52 28.04 -21.67
CA ALA A 38 -29.97 29.45 -21.64
C ALA A 38 -28.90 30.36 -21.01
N GLU A 39 -28.30 29.92 -19.91
CA GLU A 39 -27.20 30.71 -19.29
C GLU A 39 -26.04 30.86 -20.28
N ALA A 40 -25.61 29.76 -20.89
CA ALA A 40 -24.52 29.78 -21.89
C ALA A 40 -24.84 30.77 -23.03
N ALA A 41 -26.09 30.77 -23.48
CA ALA A 41 -26.52 31.63 -24.61
C ALA A 41 -26.34 33.11 -24.25
N LYS A 42 -26.55 33.47 -22.99
CA LYS A 42 -26.34 34.86 -22.51
C LYS A 42 -24.89 35.29 -22.73
N HIS A 43 -23.97 34.33 -22.80
CA HIS A 43 -22.53 34.60 -23.04
C HIS A 43 -22.11 34.26 -24.49
N GLY A 44 -23.06 34.00 -25.38
CA GLY A 44 -22.73 33.62 -26.76
C GLY A 44 -22.02 32.27 -26.81
N LEU A 45 -22.32 31.38 -25.86
CA LEU A 45 -21.72 30.03 -25.82
C LEU A 45 -22.79 28.94 -26.03
N GLU A 46 -22.32 27.77 -26.46
CA GLU A 46 -23.22 26.60 -26.66
C GLU A 46 -22.88 25.50 -25.64
N VAL A 47 -23.81 24.58 -25.45
CA VAL A 47 -23.62 23.48 -24.47
C VAL A 47 -23.85 22.12 -25.14
N GLU A 48 -22.88 21.22 -25.00
CA GLU A 48 -23.04 19.81 -25.44
C GLU A 48 -23.34 19.04 -24.13
N ALA A 49 -24.55 18.50 -24.00
CA ALA A 49 -24.99 17.86 -22.75
C ALA A 49 -25.02 16.35 -22.95
N LEU A 50 -24.56 15.63 -21.95
CA LEU A 50 -24.67 14.16 -21.97
C LEU A 50 -24.94 13.65 -20.55
N GLN A 51 -25.79 12.67 -20.44
CA GLN A 51 -26.01 11.96 -19.15
C GLN A 51 -25.91 10.46 -19.44
N SER A 52 -25.34 9.71 -18.51
CA SER A 52 -25.29 8.24 -18.66
C SER A 52 -25.14 7.52 -17.31
N ASN A 53 -25.70 6.32 -17.24
CA ASN A 53 -25.51 5.43 -16.08
C ASN A 53 -24.22 4.64 -16.33
N HIS A 54 -23.56 4.92 -17.47
CA HIS A 54 -22.36 4.15 -17.90
C HIS A 54 -21.09 5.04 -17.78
N GLU A 55 -20.26 4.70 -16.81
CA GLU A 55 -19.04 5.51 -16.55
C GLU A 55 -18.17 5.69 -17.82
N GLY A 56 -18.00 4.62 -18.60
CA GLY A 56 -17.22 4.66 -19.85
C GLY A 56 -17.70 5.71 -20.84
N GLU A 57 -19.02 5.91 -20.93
CA GLU A 57 -19.60 6.95 -21.82
C GLU A 57 -19.13 8.35 -21.36
N LEU A 58 -19.15 8.60 -20.04
CA LEU A 58 -18.65 9.88 -19.46
C LEU A 58 -17.16 10.05 -19.79
N ILE A 59 -16.39 8.98 -19.61
CA ILE A 59 -14.92 9.02 -19.91
C ILE A 59 -14.71 9.34 -21.40
N ASP A 60 -15.44 8.65 -22.27
CA ASP A 60 -15.33 8.90 -23.73
C ASP A 60 -15.68 10.37 -24.04
N ALA A 61 -16.73 10.88 -23.40
CA ALA A 61 -17.17 12.27 -23.66
C ALA A 61 -16.04 13.25 -23.27
N LEU A 62 -15.37 13.00 -22.14
CA LEU A 62 -14.24 13.85 -21.66
C LEU A 62 -13.10 13.77 -22.68
N HIS A 63 -12.73 12.56 -23.12
CA HIS A 63 -11.66 12.38 -24.11
C HIS A 63 -11.99 13.11 -25.41
N ASN A 64 -13.21 12.98 -25.87
CA ASN A 64 -13.66 13.55 -27.14
C ASN A 64 -13.69 15.09 -27.00
N ALA A 65 -13.84 15.65 -25.81
CA ALA A 65 -14.03 17.11 -25.66
C ALA A 65 -12.67 17.81 -25.57
N ARG A 66 -11.58 17.07 -25.44
CA ARG A 66 -10.22 17.64 -25.22
C ARG A 66 -9.91 18.59 -26.40
N GLY A 67 -9.58 19.84 -26.12
CA GLY A 67 -9.13 20.76 -27.18
C GLY A 67 -10.27 21.44 -27.91
N THR A 68 -11.53 21.04 -27.77
CA THR A 68 -12.60 21.63 -28.59
C THR A 68 -13.64 22.36 -27.72
N HIS A 69 -13.60 22.19 -26.41
CA HIS A 69 -14.58 22.79 -25.50
C HIS A 69 -13.84 23.75 -24.56
N ILE A 70 -14.49 24.77 -24.02
CA ILE A 70 -13.81 25.73 -23.15
C ILE A 70 -13.80 25.22 -21.72
N GLY A 71 -14.60 24.21 -21.39
CA GLY A 71 -14.70 23.72 -20.03
C GLY A 71 -15.78 22.67 -19.87
N CYS A 72 -15.88 22.11 -18.69
CA CYS A 72 -16.80 21.03 -18.34
C CYS A 72 -17.52 21.37 -17.04
N VAL A 73 -18.83 21.23 -17.05
CA VAL A 73 -19.67 21.26 -15.83
C VAL A 73 -20.05 19.80 -15.58
N ILE A 74 -19.68 19.24 -14.45
CA ILE A 74 -19.92 17.80 -14.16
C ILE A 74 -20.63 17.59 -12.84
N ASN A 75 -21.70 16.80 -12.88
CA ASN A 75 -22.35 16.22 -11.68
C ASN A 75 -22.12 14.73 -11.79
N PRO A 76 -21.06 14.21 -11.15
CA PRO A 76 -20.71 12.81 -11.36
C PRO A 76 -21.69 11.80 -10.75
N GLY A 77 -22.71 12.24 -10.02
CA GLY A 77 -23.56 11.32 -9.25
C GLY A 77 -22.74 10.48 -8.28
N GLY A 78 -23.10 9.22 -8.04
CA GLY A 78 -22.39 8.38 -7.05
C GLY A 78 -20.93 8.17 -7.42
N LEU A 79 -20.57 8.35 -8.69
CA LEU A 79 -19.17 8.17 -9.11
C LEU A 79 -18.27 9.23 -8.44
N THR A 80 -18.85 10.36 -7.99
CA THR A 80 -18.15 11.40 -7.22
C THR A 80 -17.28 10.71 -6.15
N HIS A 81 -17.84 9.73 -5.46
CA HIS A 81 -17.30 9.22 -4.19
C HIS A 81 -16.43 8.00 -4.46
N THR A 82 -16.38 7.49 -5.68
CA THR A 82 -15.85 6.12 -5.89
C THR A 82 -14.83 6.05 -7.03
N SER A 83 -14.92 6.89 -8.07
CA SER A 83 -14.21 6.61 -9.34
C SER A 83 -12.90 7.41 -9.44
N VAL A 84 -11.80 6.68 -9.40
CA VAL A 84 -10.49 7.26 -9.78
C VAL A 84 -10.40 7.38 -11.31
N ALA A 85 -10.98 6.44 -12.05
CA ALA A 85 -10.99 6.44 -13.52
C ALA A 85 -11.65 7.73 -14.02
N LEU A 86 -12.70 8.17 -13.35
CA LEU A 86 -13.36 9.42 -13.82
C LEU A 86 -12.47 10.65 -13.55
N LEU A 87 -11.80 10.74 -12.39
CA LEU A 87 -10.79 11.81 -12.15
C LEU A 87 -9.71 11.77 -13.25
N ASP A 88 -9.14 10.60 -13.53
CA ASP A 88 -8.08 10.47 -14.56
C ASP A 88 -8.64 10.99 -15.91
N ALA A 89 -9.91 10.70 -16.22
CA ALA A 89 -10.52 11.22 -17.47
C ALA A 89 -10.62 12.75 -17.46
N VAL A 90 -11.02 13.37 -16.35
CA VAL A 90 -11.08 14.85 -16.26
C VAL A 90 -9.68 15.41 -16.50
N LYS A 91 -8.66 14.82 -15.90
CA LYS A 91 -7.25 15.27 -16.11
C LYS A 91 -6.84 15.10 -17.59
N ALA A 92 -7.22 14.00 -18.21
CA ALA A 92 -6.87 13.73 -19.62
C ALA A 92 -7.56 14.72 -20.53
N SER A 93 -8.75 15.20 -20.17
CA SER A 93 -9.56 16.15 -20.96
C SER A 93 -8.84 17.50 -21.01
N GLU A 94 -8.08 17.84 -19.98
CA GLU A 94 -7.44 19.18 -19.76
C GLU A 94 -8.49 20.30 -19.69
N LEU A 95 -9.76 19.98 -19.52
CA LEU A 95 -10.82 21.02 -19.45
C LEU A 95 -10.86 21.59 -18.03
N PRO A 96 -10.92 22.93 -17.88
CA PRO A 96 -11.32 23.53 -16.62
C PRO A 96 -12.71 22.98 -16.24
N THR A 97 -12.85 22.45 -15.04
CA THR A 97 -14.05 21.68 -14.63
C THR A 97 -14.67 22.31 -13.39
N VAL A 98 -15.99 22.49 -13.41
CA VAL A 98 -16.80 22.85 -12.23
C VAL A 98 -17.65 21.67 -11.88
N GLU A 99 -17.52 21.22 -10.62
CA GLU A 99 -18.29 20.11 -10.05
C GLU A 99 -19.58 20.68 -9.45
N VAL A 100 -20.72 20.06 -9.76
CA VAL A 100 -22.04 20.51 -9.28
C VAL A 100 -22.70 19.33 -8.60
N HIS A 101 -23.28 19.55 -7.43
CA HIS A 101 -24.18 18.62 -6.72
C HIS A 101 -25.49 19.35 -6.43
N ILE A 102 -26.60 18.68 -6.68
CA ILE A 102 -27.93 19.25 -6.42
C ILE A 102 -28.12 19.33 -4.90
N SER A 103 -27.83 18.25 -4.21
CA SER A 103 -27.90 18.18 -2.74
C SER A 103 -26.59 18.73 -2.18
N ASN A 104 -26.51 18.79 -0.87
CA ASN A 104 -25.33 19.18 -0.06
C ASN A 104 -24.76 17.89 0.48
N PRO A 105 -23.80 17.23 -0.19
CA PRO A 105 -23.31 15.93 0.26
C PRO A 105 -22.69 15.97 1.68
N HIS A 106 -22.14 17.12 2.09
CA HIS A 106 -21.46 17.22 3.43
C HIS A 106 -22.52 17.20 4.55
N ALA A 107 -23.80 17.38 4.22
CA ALA A 107 -24.90 17.28 5.20
C ALA A 107 -25.52 15.86 5.14
N ARG A 108 -24.91 14.93 4.41
CA ARG A 108 -25.52 13.60 4.24
C ARG A 108 -24.58 12.56 4.87
N GLU A 109 -24.62 11.33 4.41
CA GLU A 109 -23.81 10.23 4.99
C GLU A 109 -22.33 10.48 4.76
N GLU A 110 -21.50 9.95 5.65
CA GLU A 110 -20.03 10.14 5.62
C GLU A 110 -19.45 9.71 4.25
N PHE A 111 -19.97 8.66 3.63
CA PHE A 111 -19.36 8.13 2.37
C PHE A 111 -19.58 9.16 1.26
N ARG A 112 -20.51 10.08 1.42
CA ARG A 112 -20.72 11.18 0.42
C ARG A 112 -19.81 12.39 0.67
N HIS A 113 -18.96 12.39 1.70
CA HIS A 113 -18.12 13.55 2.08
C HIS A 113 -16.81 13.54 1.30
N HIS A 114 -16.57 12.57 0.43
CA HIS A 114 -15.31 12.41 -0.31
C HIS A 114 -15.59 12.53 -1.80
N SER A 115 -14.81 13.34 -2.50
CA SER A 115 -14.96 13.58 -3.95
C SER A 115 -13.58 13.47 -4.56
N TYR A 116 -13.39 12.52 -5.47
CA TYR A 116 -12.20 12.51 -6.32
C TYR A 116 -12.16 13.73 -7.24
N ILE A 117 -13.31 14.14 -7.76
CA ILE A 117 -13.40 15.20 -8.78
C ILE A 117 -13.00 16.54 -8.16
N SER A 118 -13.30 16.74 -6.88
CA SER A 118 -12.98 17.97 -6.13
C SER A 118 -11.47 18.20 -6.15
N LEU A 119 -10.66 17.17 -6.30
CA LEU A 119 -9.19 17.34 -6.37
C LEU A 119 -8.79 18.07 -7.66
N ALA A 120 -9.55 17.94 -8.75
CA ALA A 120 -9.18 18.58 -10.02
C ALA A 120 -10.06 19.80 -10.30
N ALA A 121 -11.25 19.91 -9.71
CA ALA A 121 -12.20 20.94 -10.16
C ALA A 121 -11.63 22.31 -9.79
N VAL A 122 -11.86 23.31 -10.62
CA VAL A 122 -11.56 24.71 -10.27
C VAL A 122 -12.58 25.19 -9.22
N SER A 123 -13.83 24.74 -9.31
CA SER A 123 -14.87 25.14 -8.35
C SER A 123 -15.82 23.98 -8.08
N VAL A 124 -16.42 23.99 -6.91
CA VAL A 124 -17.43 23.02 -6.46
C VAL A 124 -18.63 23.79 -5.94
N ILE A 125 -19.81 23.46 -6.44
CA ILE A 125 -21.08 24.09 -6.04
C ILE A 125 -21.99 22.96 -5.57
N ALA A 126 -22.52 23.04 -4.36
CA ALA A 126 -23.37 21.98 -3.80
C ALA A 126 -24.60 22.60 -3.12
N GLY A 127 -25.77 21.99 -3.31
CA GLY A 127 -26.98 22.31 -2.54
C GLY A 127 -27.76 23.49 -3.10
N ALA A 128 -27.41 24.01 -4.27
CA ALA A 128 -28.14 25.11 -4.91
C ALA A 128 -29.25 24.54 -5.79
N GLY A 129 -29.62 23.26 -5.67
CA GLY A 129 -30.60 22.67 -6.59
C GLY A 129 -30.04 22.71 -8.00
N ILE A 130 -30.89 22.90 -8.99
CA ILE A 130 -30.44 22.93 -10.41
C ILE A 130 -29.80 24.27 -10.72
N GLN A 131 -29.96 25.28 -9.86
CA GLN A 131 -29.35 26.61 -10.09
C GLN A 131 -27.83 26.47 -10.04
N GLY A 132 -27.29 25.46 -9.37
CA GLY A 132 -25.83 25.27 -9.39
C GLY A 132 -25.28 25.12 -10.80
N TYR A 133 -26.01 24.54 -11.74
CA TYR A 133 -25.53 24.40 -13.14
C TYR A 133 -25.43 25.77 -13.82
N ARG A 134 -26.36 26.69 -13.55
CA ARG A 134 -26.33 28.07 -14.09
C ARG A 134 -25.07 28.78 -13.58
N PHE A 135 -24.74 28.67 -12.29
CA PHE A 135 -23.55 29.33 -11.71
C PHE A 135 -22.30 28.73 -12.35
N ALA A 136 -22.29 27.41 -12.53
CA ALA A 136 -21.14 26.71 -13.14
C ALA A 136 -20.86 27.21 -14.58
N VAL A 137 -21.91 27.47 -15.37
CA VAL A 137 -21.73 28.02 -16.73
C VAL A 137 -21.09 29.44 -16.62
N ASP A 138 -21.59 30.25 -15.68
CA ASP A 138 -21.12 31.62 -15.41
C ASP A 138 -19.61 31.59 -15.06
N ILE A 139 -19.17 30.62 -14.24
CA ILE A 139 -17.75 30.52 -13.88
C ILE A 139 -16.96 30.22 -15.16
N LEU A 140 -17.41 29.25 -15.95
CA LEU A 140 -16.62 28.84 -17.13
C LEU A 140 -16.61 29.97 -18.17
N ALA A 141 -17.70 30.70 -18.33
CA ALA A 141 -17.80 31.80 -19.30
C ALA A 141 -16.77 32.89 -18.92
N ASN A 142 -16.54 33.08 -17.63
CA ASN A 142 -15.69 34.20 -17.15
C ASN A 142 -14.21 33.78 -17.07
N LEU A 143 -13.93 32.52 -16.80
CA LEU A 143 -12.54 32.00 -16.83
C LEU A 143 -12.06 32.15 -18.26
N LYS A 144 -12.86 31.67 -19.20
CA LYS A 144 -12.52 31.74 -20.64
C LYS A 144 -12.27 33.19 -21.06
N LYS A 145 -13.11 34.11 -20.60
CA LYS A 145 -12.97 35.55 -20.98
C LYS A 145 -11.65 36.13 -20.45
N LEU A 146 -11.12 35.57 -19.35
CA LEU A 146 -9.86 36.03 -18.67
C LEU A 146 -8.64 35.13 -18.99
N PRO B 2 1.04 -20.19 -30.97
CA PRO B 2 -0.33 -20.59 -30.68
C PRO B 2 -0.69 -20.41 -29.20
N GLY B 3 0.29 -20.42 -28.29
CA GLY B 3 -0.03 -20.03 -26.91
C GLY B 3 -0.47 -18.58 -26.94
N LYS B 4 -1.50 -18.20 -26.18
CA LYS B 4 -2.03 -16.82 -26.30
C LYS B 4 -2.06 -16.06 -24.97
N ILE B 5 -1.61 -14.81 -25.01
CA ILE B 5 -1.63 -13.94 -23.81
C ILE B 5 -2.75 -12.89 -23.96
N LEU B 6 -3.55 -12.73 -22.92
CA LEU B 6 -4.58 -11.68 -22.93
C LEU B 6 -3.97 -10.39 -22.40
N LEU B 7 -3.91 -9.37 -23.23
CA LEU B 7 -3.40 -8.05 -22.79
C LEU B 7 -4.60 -7.10 -22.57
N LEU B 8 -4.80 -6.70 -21.32
CA LEU B 8 -5.92 -5.81 -20.97
C LEU B 8 -5.41 -4.45 -20.48
N ASN B 9 -5.97 -3.41 -21.04
CA ASN B 9 -5.68 -2.03 -20.63
C ASN B 9 -7.01 -1.39 -20.22
N GLY B 10 -7.06 -0.85 -19.03
CA GLY B 10 -8.29 -0.28 -18.52
C GLY B 10 -8.52 1.16 -18.92
N PRO B 11 -9.40 1.88 -18.18
CA PRO B 11 -9.77 3.23 -18.55
C PRO B 11 -8.69 4.31 -18.72
N ASN B 12 -8.80 5.12 -19.77
CA ASN B 12 -7.88 6.28 -20.02
C ASN B 12 -6.58 5.88 -20.75
N LEU B 13 -6.27 4.59 -20.83
CA LEU B 13 -4.98 4.15 -21.46
C LEU B 13 -5.00 4.44 -22.97
N ASN B 14 -6.18 4.57 -23.57
CA ASN B 14 -6.31 4.97 -25.00
C ASN B 14 -5.71 6.38 -25.17
N MET B 15 -5.66 7.17 -24.08
CA MET B 15 -5.12 8.56 -24.13
C MET B 15 -3.59 8.58 -23.88
N LEU B 16 -2.96 7.41 -23.75
CA LEU B 16 -1.48 7.38 -23.58
C LEU B 16 -0.78 8.23 -24.65
N GLY B 17 0.15 9.08 -24.23
CA GLY B 17 0.87 9.99 -25.15
C GLY B 17 0.30 11.39 -25.10
N LYS B 18 -0.97 11.51 -24.74
CA LYS B 18 -1.65 12.83 -24.70
C LYS B 18 -1.94 13.20 -23.24
N ALA B 19 -2.40 12.24 -22.45
CA ALA B 19 -2.78 12.52 -21.05
C ALA B 19 -1.58 12.59 -20.12
N GLU B 20 -1.48 13.68 -19.33
CA GLU B 20 -0.44 13.79 -18.26
C GLU B 20 0.90 13.22 -18.73
N PRO B 21 1.50 13.75 -19.81
CA PRO B 21 2.74 13.19 -20.36
C PRO B 21 3.92 13.24 -19.37
N ASP B 22 3.93 14.23 -18.48
CA ASP B 22 4.97 14.34 -17.42
C ASP B 22 4.94 13.10 -16.50
N ILE B 23 3.80 12.44 -16.40
CA ILE B 23 3.65 11.25 -15.53
C ILE B 23 3.74 9.96 -16.36
N TYR B 24 3.06 9.89 -17.50
CA TYR B 24 2.93 8.61 -18.24
C TYR B 24 3.83 8.51 -19.48
N GLY B 25 4.47 9.61 -19.86
CA GLY B 25 5.37 9.58 -21.00
C GLY B 25 4.71 9.90 -22.34
N HIS B 26 5.46 9.76 -23.42
CA HIS B 26 4.97 10.16 -24.76
C HIS B 26 4.60 8.95 -25.64
N ASP B 27 4.84 7.74 -25.16
CA ASP B 27 4.49 6.51 -25.92
C ASP B 27 2.96 6.34 -25.98
N THR B 28 2.48 5.57 -26.94
CA THR B 28 1.03 5.41 -27.16
C THR B 28 0.56 3.99 -26.81
N LEU B 29 -0.76 3.81 -26.76
CA LEU B 29 -1.33 2.45 -26.54
C LEU B 29 -0.87 1.52 -27.68
N GLU B 30 -0.82 2.04 -28.91
CA GLU B 30 -0.34 1.24 -30.09
C GLU B 30 1.11 0.80 -29.83
N ASP B 31 1.94 1.67 -29.27
CA ASP B 31 3.31 1.29 -28.89
C ASP B 31 3.29 0.15 -27.86
N VAL B 32 2.44 0.27 -26.85
CA VAL B 32 2.34 -0.77 -25.79
C VAL B 32 2.01 -2.13 -26.45
N VAL B 33 0.97 -2.16 -27.27
CA VAL B 33 0.49 -3.44 -27.88
C VAL B 33 1.58 -4.02 -28.79
N ALA B 34 2.23 -3.18 -29.58
CA ALA B 34 3.32 -3.61 -30.48
C ALA B 34 4.49 -4.19 -29.66
N LEU B 35 4.85 -3.53 -28.56
CA LEU B 35 5.96 -4.01 -27.70
C LEU B 35 5.61 -5.38 -27.11
N ALA B 36 4.43 -5.52 -26.51
CA ALA B 36 3.98 -6.80 -25.95
C ALA B 36 3.96 -7.88 -27.06
N THR B 37 3.43 -7.53 -28.23
CA THR B 37 3.31 -8.50 -29.36
C THR B 37 4.71 -8.98 -29.80
N ALA B 38 5.66 -8.06 -29.95
CA ALA B 38 7.04 -8.39 -30.37
C ALA B 38 7.69 -9.33 -29.34
N GLU B 39 7.52 -9.02 -28.04
CA GLU B 39 8.10 -9.86 -26.97
C GLU B 39 7.48 -11.26 -27.02
N ALA B 40 6.16 -11.33 -27.19
CA ALA B 40 5.47 -12.62 -27.24
C ALA B 40 5.98 -13.45 -28.43
N ALA B 41 6.17 -12.81 -29.57
CA ALA B 41 6.60 -13.50 -30.81
C ALA B 41 7.98 -14.14 -30.61
N LYS B 42 8.87 -13.46 -29.88
CA LYS B 42 10.21 -14.00 -29.54
C LYS B 42 10.06 -15.36 -28.85
N HIS B 43 8.94 -15.58 -28.15
CA HIS B 43 8.72 -16.85 -27.41
C HIS B 43 7.69 -17.74 -28.12
N GLY B 44 7.38 -17.42 -29.39
CA GLY B 44 6.40 -18.20 -30.15
C GLY B 44 4.98 -18.07 -29.60
N LEU B 45 4.66 -16.91 -29.02
CA LEU B 45 3.34 -16.68 -28.40
C LEU B 45 2.60 -15.55 -29.12
N GLU B 46 1.29 -15.52 -28.96
CA GLU B 46 0.46 -14.47 -29.56
C GLU B 46 -0.15 -13.62 -28.45
N VAL B 47 -0.54 -12.40 -28.80
CA VAL B 47 -1.15 -11.46 -27.83
C VAL B 47 -2.53 -11.04 -28.36
N GLU B 48 -3.55 -11.22 -27.56
CA GLU B 48 -4.88 -10.68 -27.92
C GLU B 48 -5.09 -9.46 -27.00
N ALA B 49 -5.10 -8.27 -27.59
CA ALA B 49 -5.15 -7.02 -26.81
C ALA B 49 -6.53 -6.38 -26.82
N LEU B 50 -6.92 -5.83 -25.67
CA LEU B 50 -8.19 -5.09 -25.57
C LEU B 50 -8.03 -3.94 -24.57
N GLN B 51 -8.56 -2.79 -24.89
CA GLN B 51 -8.60 -1.64 -23.96
C GLN B 51 -10.05 -1.17 -23.88
N SER B 52 -10.47 -0.75 -22.70
CA SER B 52 -11.84 -0.22 -22.54
C SER B 52 -11.95 0.77 -21.39
N ASN B 53 -12.84 1.73 -21.55
CA ASN B 53 -13.15 2.68 -20.47
C ASN B 53 -14.29 2.08 -19.64
N HIS B 54 -14.69 0.84 -19.96
CA HIS B 54 -15.77 0.12 -19.24
C HIS B 54 -15.22 -1.08 -18.45
N GLU B 55 -15.35 -1.06 -17.13
CA GLU B 55 -14.93 -2.20 -16.28
C GLU B 55 -15.55 -3.53 -16.77
N GLY B 56 -16.84 -3.52 -17.11
CA GLY B 56 -17.57 -4.72 -17.57
C GLY B 56 -16.92 -5.41 -18.76
N GLU B 57 -16.29 -4.64 -19.65
CA GLU B 57 -15.65 -5.19 -20.87
C GLU B 57 -14.41 -6.01 -20.50
N LEU B 58 -13.61 -5.51 -19.56
CA LEU B 58 -12.41 -6.24 -19.09
C LEU B 58 -12.86 -7.54 -18.40
N ILE B 59 -13.91 -7.44 -17.58
CA ILE B 59 -14.47 -8.64 -16.89
C ILE B 59 -14.91 -9.68 -17.93
N ASP B 60 -15.67 -9.23 -18.92
CA ASP B 60 -16.12 -10.11 -20.03
C ASP B 60 -14.90 -10.77 -20.71
N ALA B 61 -13.89 -9.95 -21.03
CA ALA B 61 -12.66 -10.44 -21.70
C ALA B 61 -11.99 -11.53 -20.84
N LEU B 62 -11.89 -11.26 -19.54
CA LEU B 62 -11.27 -12.24 -18.61
C LEU B 62 -12.07 -13.55 -18.60
N HIS B 63 -13.38 -13.46 -18.50
CA HIS B 63 -14.24 -14.67 -18.52
C HIS B 63 -14.04 -15.44 -19.84
N ASN B 64 -14.08 -14.73 -20.95
CA ASN B 64 -13.97 -15.37 -22.29
C ASN B 64 -12.61 -16.04 -22.50
N ALA B 65 -11.58 -15.58 -21.79
CA ALA B 65 -10.20 -16.10 -21.96
C ALA B 65 -9.92 -17.32 -21.08
N ARG B 66 -10.83 -17.62 -20.15
CA ARG B 66 -10.62 -18.77 -19.23
C ARG B 66 -10.37 -20.06 -20.04
N GLY B 67 -9.32 -20.77 -19.68
CA GLY B 67 -9.01 -22.08 -20.30
C GLY B 67 -8.38 -22.02 -21.70
N THR B 68 -8.30 -20.84 -22.31
CA THR B 68 -7.83 -20.72 -23.72
C THR B 68 -6.55 -19.87 -23.83
N HIS B 69 -6.14 -19.26 -22.73
CA HIS B 69 -4.94 -18.36 -22.72
C HIS B 69 -3.97 -18.82 -21.63
N ILE B 70 -2.68 -18.58 -21.83
CA ILE B 70 -1.64 -19.02 -20.86
C ILE B 70 -1.56 -18.02 -19.70
N GLY B 71 -2.09 -16.82 -19.92
CA GLY B 71 -2.01 -15.78 -18.89
C GLY B 71 -2.56 -14.44 -19.31
N CYS B 72 -2.48 -13.49 -18.40
CA CYS B 72 -3.00 -12.13 -18.66
C CYS B 72 -2.03 -11.04 -18.20
N VAL B 73 -1.85 -10.01 -19.02
CA VAL B 73 -1.07 -8.82 -18.63
C VAL B 73 -2.13 -7.74 -18.51
N ILE B 74 -2.24 -7.16 -17.33
CA ILE B 74 -3.32 -6.16 -17.11
C ILE B 74 -2.83 -4.85 -16.51
N ASN B 75 -3.21 -3.76 -17.14
CA ASN B 75 -2.99 -2.42 -16.55
C ASN B 75 -4.43 -1.93 -16.32
N PRO B 76 -4.97 -2.07 -15.11
CA PRO B 76 -6.39 -1.74 -14.88
C PRO B 76 -6.75 -0.24 -14.85
N GLY B 77 -5.75 0.63 -14.93
CA GLY B 77 -6.02 2.06 -14.76
C GLY B 77 -6.57 2.37 -13.37
N GLY B 78 -7.44 3.37 -13.27
CA GLY B 78 -8.03 3.76 -11.98
C GLY B 78 -8.81 2.64 -11.30
N LEU B 79 -9.28 1.65 -12.07
CA LEU B 79 -9.98 0.46 -11.51
C LEU B 79 -9.06 -0.28 -10.51
N THR B 80 -7.74 -0.13 -10.69
CA THR B 80 -6.76 -0.76 -9.78
C THR B 80 -7.13 -0.48 -8.31
N HIS B 81 -7.52 0.75 -7.98
CA HIS B 81 -7.71 1.18 -6.58
C HIS B 81 -9.16 1.03 -6.11
N THR B 82 -10.07 0.70 -7.01
CA THR B 82 -11.51 0.74 -6.65
C THR B 82 -12.32 -0.54 -6.93
N SER B 83 -11.91 -1.42 -7.87
CA SER B 83 -12.81 -2.54 -8.30
C SER B 83 -12.55 -3.89 -7.64
N VAL B 84 -13.47 -4.29 -6.76
CA VAL B 84 -13.42 -5.66 -6.22
C VAL B 84 -13.89 -6.61 -7.35
N ALA B 85 -14.85 -6.15 -8.17
CA ALA B 85 -15.39 -6.94 -9.31
C ALA B 85 -14.25 -7.40 -10.25
N LEU B 86 -13.30 -6.54 -10.54
CA LEU B 86 -12.16 -6.88 -11.46
C LEU B 86 -11.27 -7.96 -10.79
N LEU B 87 -11.02 -7.81 -9.50
CA LEU B 87 -10.24 -8.81 -8.74
C LEU B 87 -10.96 -10.17 -8.83
N ASP B 88 -12.26 -10.18 -8.52
CA ASP B 88 -13.06 -11.43 -8.59
C ASP B 88 -12.99 -12.02 -10.01
N ALA B 89 -13.04 -11.17 -11.01
CA ALA B 89 -12.93 -11.61 -12.42
C ALA B 89 -11.58 -12.29 -12.70
N VAL B 90 -10.48 -11.68 -12.26
CA VAL B 90 -9.13 -12.27 -12.46
C VAL B 90 -9.13 -13.68 -11.84
N LYS B 91 -9.68 -13.80 -10.63
CA LYS B 91 -9.75 -15.11 -9.93
C LYS B 91 -10.65 -16.09 -10.71
N ALA B 92 -11.79 -15.63 -11.21
CA ALA B 92 -12.70 -16.48 -12.00
C ALA B 92 -12.00 -16.98 -13.28
N SER B 93 -11.19 -16.13 -13.90
CA SER B 93 -10.45 -16.47 -15.14
C SER B 93 -9.48 -17.63 -14.88
N GLU B 94 -8.94 -17.73 -13.66
CA GLU B 94 -7.90 -18.73 -13.31
C GLU B 94 -6.62 -18.49 -14.14
N LEU B 95 -6.49 -17.32 -14.77
CA LEU B 95 -5.30 -16.99 -15.58
C LEU B 95 -4.18 -16.45 -14.71
N PRO B 96 -2.94 -16.94 -14.84
CA PRO B 96 -1.81 -16.32 -14.16
C PRO B 96 -1.80 -14.86 -14.66
N THR B 97 -1.74 -13.91 -13.73
CA THR B 97 -1.89 -12.48 -14.14
C THR B 97 -0.73 -11.62 -13.66
N VAL B 98 -0.23 -10.78 -14.55
CA VAL B 98 0.85 -9.82 -14.17
C VAL B 98 0.24 -8.40 -14.21
N GLU B 99 0.29 -7.71 -13.10
CA GLU B 99 -0.23 -6.32 -13.03
C GLU B 99 0.86 -5.34 -13.45
N VAL B 100 0.51 -4.42 -14.32
CA VAL B 100 1.49 -3.44 -14.85
C VAL B 100 1.01 -1.99 -14.65
N HIS B 101 1.89 -1.15 -14.14
CA HIS B 101 1.61 0.30 -14.02
C HIS B 101 2.77 1.06 -14.72
N ILE B 102 2.42 1.99 -15.62
CA ILE B 102 3.44 2.79 -16.35
C ILE B 102 4.14 3.66 -15.30
N SER B 103 3.33 4.33 -14.49
CA SER B 103 3.83 5.17 -13.37
C SER B 103 4.11 4.32 -12.12
N ASN B 104 4.74 4.93 -11.13
CA ASN B 104 4.94 4.31 -9.80
C ASN B 104 3.87 4.91 -8.88
N PRO B 105 2.75 4.19 -8.66
CA PRO B 105 1.61 4.73 -7.88
C PRO B 105 1.99 5.07 -6.42
N HIS B 106 2.91 4.30 -5.86
CA HIS B 106 3.40 4.54 -4.47
C HIS B 106 4.12 5.89 -4.34
N ALA B 107 4.59 6.47 -5.44
CA ALA B 107 5.23 7.81 -5.44
C ALA B 107 4.17 8.90 -5.67
N ARG B 108 2.89 8.52 -5.75
CA ARG B 108 1.81 9.50 -6.05
C ARG B 108 0.83 9.62 -4.86
N GLU B 109 -0.38 10.11 -5.10
CA GLU B 109 -1.41 10.32 -4.05
C GLU B 109 -1.70 9.02 -3.27
N GLU B 110 -2.02 9.15 -1.99
CA GLU B 110 -2.27 7.96 -1.13
C GLU B 110 -3.35 7.05 -1.69
N PHE B 111 -4.39 7.60 -2.31
CA PHE B 111 -5.50 6.76 -2.84
C PHE B 111 -4.98 5.79 -3.93
N ARG B 112 -3.82 6.07 -4.51
CA ARG B 112 -3.21 5.20 -5.56
C ARG B 112 -2.29 4.13 -4.95
N HIS B 113 -2.11 4.14 -3.64
CA HIS B 113 -1.17 3.20 -2.97
C HIS B 113 -1.82 1.82 -2.81
N HIS B 114 -3.11 1.73 -3.05
CA HIS B 114 -3.87 0.47 -2.84
C HIS B 114 -4.30 -0.18 -4.16
N SER B 115 -4.08 -1.48 -4.27
CA SER B 115 -4.46 -2.26 -5.47
C SER B 115 -5.21 -3.51 -5.04
N TYR B 116 -6.45 -3.69 -5.49
CA TYR B 116 -7.16 -4.98 -5.34
C TYR B 116 -6.52 -6.08 -6.19
N ILE B 117 -5.99 -5.72 -7.36
CA ILE B 117 -5.46 -6.70 -8.33
C ILE B 117 -4.17 -7.30 -7.75
N SER B 118 -3.37 -6.52 -7.00
CA SER B 118 -2.09 -7.02 -6.41
C SER B 118 -2.36 -8.19 -5.48
N LEU B 119 -3.60 -8.34 -4.99
CA LEU B 119 -3.92 -9.44 -4.06
C LEU B 119 -3.90 -10.77 -4.83
N ALA B 120 -4.20 -10.77 -6.12
CA ALA B 120 -4.33 -12.01 -6.94
C ALA B 120 -3.15 -12.13 -7.94
N ALA B 121 -2.48 -11.04 -8.31
CA ALA B 121 -1.44 -11.05 -9.35
C ALA B 121 -0.29 -11.94 -8.91
N VAL B 122 0.28 -12.70 -9.85
CA VAL B 122 1.54 -13.43 -9.56
C VAL B 122 2.67 -12.40 -9.48
N SER B 123 2.61 -11.33 -10.25
CA SER B 123 3.64 -10.29 -10.22
C SER B 123 3.02 -8.93 -10.45
N VAL B 124 3.69 -7.92 -9.96
CA VAL B 124 3.32 -6.48 -10.12
C VAL B 124 4.57 -5.73 -10.54
N ILE B 125 4.51 -5.03 -11.67
CA ILE B 125 5.59 -4.19 -12.22
C ILE B 125 5.06 -2.77 -12.29
N ALA B 126 5.71 -1.82 -11.64
CA ALA B 126 5.27 -0.41 -11.65
C ALA B 126 6.44 0.47 -11.96
N GLY B 127 6.19 1.49 -12.76
CA GLY B 127 7.14 2.62 -12.93
C GLY B 127 8.22 2.34 -14.00
N ALA B 128 8.11 1.26 -14.75
CA ALA B 128 9.09 0.93 -15.81
C ALA B 128 8.66 1.54 -17.16
N GLY B 129 7.67 2.43 -17.19
CA GLY B 129 7.10 2.93 -18.45
C GLY B 129 6.41 1.79 -19.18
N ILE B 130 6.38 1.86 -20.48
CA ILE B 130 5.75 0.77 -21.27
C ILE B 130 6.66 -0.45 -21.32
N GLN B 131 7.92 -0.38 -20.89
CA GLN B 131 8.76 -1.60 -20.84
C GLN B 131 8.18 -2.60 -19.84
N GLY B 132 7.40 -2.16 -18.84
CA GLY B 132 6.74 -3.09 -17.91
C GLY B 132 5.94 -4.16 -18.62
N TYR B 133 5.30 -3.84 -19.73
CA TYR B 133 4.51 -4.80 -20.52
C TYR B 133 5.42 -5.86 -21.17
N ARG B 134 6.64 -5.49 -21.59
CA ARG B 134 7.64 -6.46 -22.12
C ARG B 134 8.03 -7.44 -21.02
N PHE B 135 8.31 -6.92 -19.80
CA PHE B 135 8.71 -7.79 -18.68
C PHE B 135 7.56 -8.73 -18.34
N ALA B 136 6.31 -8.22 -18.35
CA ALA B 136 5.12 -9.03 -18.00
C ALA B 136 5.01 -10.24 -18.95
N VAL B 137 5.19 -10.03 -20.25
CA VAL B 137 5.13 -11.12 -21.25
C VAL B 137 6.22 -12.15 -20.94
N ASP B 138 7.42 -11.67 -20.67
CA ASP B 138 8.57 -12.54 -20.28
C ASP B 138 8.17 -13.38 -19.07
N ILE B 139 7.52 -12.83 -18.05
CA ILE B 139 7.08 -13.62 -16.85
C ILE B 139 6.12 -14.70 -17.32
N LEU B 140 5.11 -14.38 -18.10
CA LEU B 140 4.10 -15.39 -18.50
C LEU B 140 4.75 -16.49 -19.36
N ALA B 141 5.64 -16.10 -20.26
CA ALA B 141 6.26 -17.07 -21.19
C ALA B 141 7.10 -18.09 -20.40
N ASN B 142 7.65 -17.70 -19.26
CA ASN B 142 8.53 -18.58 -18.46
C ASN B 142 7.73 -19.37 -17.41
N LEU B 143 6.63 -18.83 -16.89
CA LEU B 143 5.74 -19.57 -15.98
C LEU B 143 5.19 -20.71 -16.81
N LYS B 144 4.67 -20.35 -17.99
CA LYS B 144 4.18 -21.36 -18.95
C LYS B 144 5.29 -22.41 -19.18
N PRO C 2 -49.18 -12.05 -13.58
CA PRO C 2 -49.39 -10.89 -12.70
C PRO C 2 -48.10 -10.30 -12.10
N GLY C 3 -47.92 -10.38 -10.78
CA GLY C 3 -46.76 -9.72 -10.11
C GLY C 3 -45.42 -10.16 -10.66
N LYS C 4 -44.48 -9.21 -10.79
CA LYS C 4 -43.13 -9.54 -11.34
C LYS C 4 -42.00 -9.15 -10.37
N ILE C 5 -41.07 -10.07 -10.16
CA ILE C 5 -39.89 -9.82 -9.31
C ILE C 5 -38.68 -9.59 -10.24
N LEU C 6 -37.93 -8.53 -9.98
CA LEU C 6 -36.69 -8.31 -10.76
C LEU C 6 -35.54 -9.07 -10.08
N LEU C 7 -34.98 -10.04 -10.77
CA LEU C 7 -33.80 -10.78 -10.25
C LEU C 7 -32.55 -10.24 -10.94
N LEU C 8 -31.68 -9.58 -10.18
CA LEU C 8 -30.46 -8.96 -10.75
C LEU C 8 -29.22 -9.66 -10.20
N ASN C 9 -28.41 -10.16 -11.08
CA ASN C 9 -27.11 -10.75 -10.70
C ASN C 9 -25.99 -9.87 -11.30
N GLY C 10 -25.09 -9.44 -10.45
CA GLY C 10 -24.00 -8.57 -10.90
C GLY C 10 -22.79 -9.28 -11.45
N PRO C 11 -21.63 -8.59 -11.46
CA PRO C 11 -20.44 -9.13 -12.06
C PRO C 11 -19.93 -10.48 -11.52
N ASN C 12 -19.54 -11.37 -12.44
CA ASN C 12 -18.93 -12.68 -12.10
C ASN C 12 -19.98 -13.79 -11.80
N LEU C 13 -21.23 -13.41 -11.59
CA LEU C 13 -22.28 -14.42 -11.24
C LEU C 13 -22.49 -15.41 -12.42
N ASN C 14 -22.26 -14.95 -13.65
CA ASN C 14 -22.32 -15.84 -14.85
C ASN C 14 -21.31 -16.99 -14.69
N MET C 15 -20.25 -16.77 -13.93
CA MET C 15 -19.18 -17.79 -13.73
C MET C 15 -19.51 -18.77 -12.57
N LEU C 16 -20.69 -18.67 -11.98
CA LEU C 16 -21.08 -19.55 -10.85
C LEU C 16 -20.95 -21.03 -11.27
N GLY C 17 -20.28 -21.83 -10.44
CA GLY C 17 -20.02 -23.24 -10.74
C GLY C 17 -18.60 -23.47 -11.25
N LYS C 18 -17.99 -22.43 -11.82
CA LYS C 18 -16.60 -22.52 -12.33
C LYS C 18 -15.66 -21.68 -11.45
N ALA C 19 -16.13 -20.52 -11.01
CA ALA C 19 -15.30 -19.60 -10.20
C ALA C 19 -15.20 -20.04 -8.73
N GLU C 20 -13.97 -20.11 -8.23
CA GLU C 20 -13.73 -20.39 -6.78
C GLU C 20 -14.79 -21.33 -6.20
N PRO C 21 -14.90 -22.57 -6.72
CA PRO C 21 -15.94 -23.52 -6.28
C PRO C 21 -15.85 -23.82 -4.77
N ASP C 22 -14.66 -23.76 -4.18
CA ASP C 22 -14.49 -23.95 -2.71
C ASP C 22 -15.28 -22.89 -1.92
N ILE C 23 -15.45 -21.71 -2.49
CA ILE C 23 -16.18 -20.61 -1.83
C ILE C 23 -17.62 -20.51 -2.34
N TYR C 24 -17.83 -20.68 -3.64
CA TYR C 24 -19.17 -20.38 -4.22
C TYR C 24 -19.98 -21.65 -4.60
N GLY C 25 -19.38 -22.82 -4.51
CA GLY C 25 -20.12 -24.06 -4.81
C GLY C 25 -20.15 -24.46 -6.28
N HIS C 26 -20.87 -25.54 -6.59
CA HIS C 26 -20.88 -26.10 -7.97
C HIS C 26 -22.20 -25.81 -8.69
N ASP C 27 -23.13 -25.14 -8.03
CA ASP C 27 -24.40 -24.73 -8.69
C ASP C 27 -24.12 -23.65 -9.75
N THR C 28 -25.01 -23.52 -10.73
CA THR C 28 -24.82 -22.56 -11.84
C THR C 28 -25.82 -21.39 -11.76
N LEU C 29 -25.59 -20.36 -12.56
CA LEU C 29 -26.54 -19.22 -12.61
C LEU C 29 -27.91 -19.72 -13.14
N GLU C 30 -27.89 -20.67 -14.09
CA GLU C 30 -29.14 -21.28 -14.63
C GLU C 30 -29.91 -21.90 -13.45
N ASP C 31 -29.23 -22.63 -12.58
CA ASP C 31 -29.85 -23.18 -11.35
C ASP C 31 -30.50 -22.08 -10.50
N VAL C 32 -29.77 -20.96 -10.33
CA VAL C 32 -30.29 -19.80 -9.54
C VAL C 32 -31.60 -19.31 -10.16
N VAL C 33 -31.57 -19.06 -11.47
CA VAL C 33 -32.78 -18.48 -12.13
C VAL C 33 -33.94 -19.50 -12.05
N ALA C 34 -33.65 -20.77 -12.31
CA ALA C 34 -34.68 -21.82 -12.22
C ALA C 34 -35.30 -21.88 -10.80
N LEU C 35 -34.45 -21.88 -9.77
CA LEU C 35 -34.93 -21.98 -8.38
C LEU C 35 -35.84 -20.78 -8.03
N ALA C 36 -35.39 -19.57 -8.35
CA ALA C 36 -36.16 -18.34 -8.07
C ALA C 36 -37.49 -18.38 -8.83
N THR C 37 -37.43 -18.81 -10.09
CA THR C 37 -38.65 -18.87 -10.95
C THR C 37 -39.65 -19.88 -10.36
N ALA C 38 -39.19 -21.05 -9.95
CA ALA C 38 -40.06 -22.08 -9.34
C ALA C 38 -40.71 -21.55 -8.05
N GLU C 39 -39.92 -20.91 -7.19
CA GLU C 39 -40.43 -20.34 -5.91
C GLU C 39 -41.50 -19.28 -6.21
N ALA C 40 -41.22 -18.37 -7.14
CA ALA C 40 -42.17 -17.32 -7.50
C ALA C 40 -43.48 -17.95 -8.01
N ALA C 41 -43.36 -18.96 -8.85
CA ALA C 41 -44.54 -19.67 -9.42
C ALA C 41 -45.43 -20.23 -8.31
N LYS C 42 -44.84 -20.69 -7.22
CA LYS C 42 -45.62 -21.17 -6.06
C LYS C 42 -46.56 -20.05 -5.54
N HIS C 43 -46.16 -18.79 -5.70
CA HIS C 43 -46.95 -17.64 -5.18
C HIS C 43 -47.69 -16.90 -6.30
N GLY C 44 -47.79 -17.50 -7.49
CA GLY C 44 -48.46 -16.83 -8.62
C GLY C 44 -47.69 -15.65 -9.19
N LEU C 45 -46.37 -15.64 -9.02
CA LEU C 45 -45.53 -14.52 -9.49
C LEU C 45 -44.55 -14.96 -10.59
N GLU C 46 -44.05 -13.99 -11.35
CA GLU C 46 -43.06 -14.26 -12.41
C GLU C 46 -41.73 -13.56 -12.06
N VAL C 47 -40.62 -14.07 -12.58
CA VAL C 47 -39.28 -13.48 -12.36
C VAL C 47 -38.73 -12.96 -13.69
N GLU C 48 -38.28 -11.72 -13.71
CA GLU C 48 -37.58 -11.18 -14.89
C GLU C 48 -36.11 -11.14 -14.47
N ALA C 49 -35.32 -12.05 -15.01
CA ALA C 49 -33.92 -12.18 -14.56
C ALA C 49 -32.94 -11.48 -15.50
N LEU C 50 -31.90 -10.91 -14.91
CA LEU C 50 -30.83 -10.30 -15.72
C LEU C 50 -29.48 -10.46 -15.00
N GLN C 51 -28.46 -10.86 -15.74
CA GLN C 51 -27.07 -10.88 -15.19
C GLN C 51 -26.21 -9.99 -16.10
N SER C 52 -25.31 -9.21 -15.52
CA SER C 52 -24.37 -8.35 -16.30
C SER C 52 -23.08 -8.07 -15.51
N ASN C 53 -21.96 -8.00 -16.22
CA ASN C 53 -20.68 -7.57 -15.60
C ASN C 53 -20.64 -6.04 -15.67
N HIS C 54 -21.70 -5.43 -16.21
CA HIS C 54 -21.76 -3.96 -16.42
C HIS C 54 -22.68 -3.27 -15.39
N GLU C 55 -22.11 -2.48 -14.50
CA GLU C 55 -22.90 -1.72 -13.51
C GLU C 55 -24.00 -0.87 -14.19
N GLY C 56 -23.68 -0.22 -15.31
CA GLY C 56 -24.66 0.62 -16.01
C GLY C 56 -25.91 -0.15 -16.45
N GLU C 57 -25.73 -1.41 -16.84
CA GLU C 57 -26.86 -2.28 -17.26
C GLU C 57 -27.78 -2.55 -16.06
N LEU C 58 -27.20 -2.84 -14.91
CA LEU C 58 -27.97 -3.08 -13.66
C LEU C 58 -28.77 -1.81 -13.29
N ILE C 59 -28.11 -0.66 -13.34
CA ILE C 59 -28.78 0.63 -13.03
C ILE C 59 -29.96 0.84 -14.00
N ASP C 60 -29.69 0.67 -15.29
CA ASP C 60 -30.76 0.81 -16.33
C ASP C 60 -31.93 -0.14 -16.00
N ALA C 61 -31.63 -1.38 -15.62
CA ALA C 61 -32.66 -2.38 -15.26
C ALA C 61 -33.50 -1.89 -14.07
N LEU C 62 -32.85 -1.38 -13.04
CA LEU C 62 -33.58 -0.87 -11.85
C LEU C 62 -34.54 0.26 -12.26
N HIS C 63 -34.03 1.22 -13.05
CA HIS C 63 -34.85 2.37 -13.49
C HIS C 63 -36.06 1.87 -14.27
N ASN C 64 -35.81 0.92 -15.16
CA ASN C 64 -36.88 0.38 -16.04
C ASN C 64 -37.96 -0.38 -15.25
N ALA C 65 -37.59 -0.98 -14.11
CA ALA C 65 -38.50 -1.81 -13.30
C ALA C 65 -39.31 -0.96 -12.31
N ARG C 66 -38.94 0.30 -12.16
CA ARG C 66 -39.67 1.22 -11.26
C ARG C 66 -41.17 1.20 -11.58
N GLY C 67 -42.01 1.02 -10.55
CA GLY C 67 -43.47 1.09 -10.71
C GLY C 67 -44.15 -0.14 -11.33
N THR C 68 -43.39 -1.08 -11.86
CA THR C 68 -43.99 -2.22 -12.60
C THR C 68 -43.66 -3.57 -11.94
N HIS C 69 -42.78 -3.60 -10.95
CA HIS C 69 -42.37 -4.85 -10.27
C HIS C 69 -42.66 -4.74 -8.78
N ILE C 70 -42.91 -5.88 -8.12
CA ILE C 70 -43.25 -5.89 -6.68
C ILE C 70 -41.97 -5.76 -5.84
N GLY C 71 -40.84 -6.04 -6.47
CA GLY C 71 -39.59 -6.04 -5.72
C GLY C 71 -38.37 -6.48 -6.51
N CYS C 72 -37.23 -6.50 -5.84
CA CYS C 72 -35.96 -6.87 -6.49
C CYS C 72 -35.13 -7.82 -5.62
N VAL C 73 -34.63 -8.88 -6.21
CA VAL C 73 -33.66 -9.78 -5.53
C VAL C 73 -32.35 -9.42 -6.20
N ILE C 74 -31.38 -8.97 -5.43
CA ILE C 74 -30.09 -8.52 -6.02
C ILE C 74 -28.85 -9.19 -5.39
N ASN C 75 -27.99 -9.72 -6.24
CA ASN C 75 -26.66 -10.18 -5.81
C ASN C 75 -25.70 -9.25 -6.56
N PRO C 76 -25.27 -8.11 -5.98
CA PRO C 76 -24.48 -7.11 -6.71
C PRO C 76 -23.05 -7.56 -7.01
N GLY C 77 -22.67 -8.73 -6.52
CA GLY C 77 -21.26 -9.15 -6.65
C GLY C 77 -20.33 -8.13 -5.99
N GLY C 78 -19.16 -7.93 -6.58
CA GLY C 78 -18.16 -7.00 -6.04
C GLY C 78 -18.64 -5.56 -5.94
N LEU C 79 -19.65 -5.19 -6.76
CA LEU C 79 -20.25 -3.82 -6.69
C LEU C 79 -20.86 -3.58 -5.30
N THR C 80 -21.20 -4.67 -4.60
CA THR C 80 -21.75 -4.58 -3.23
C THR C 80 -20.86 -3.67 -2.36
N HIS C 81 -19.54 -3.82 -2.45
CA HIS C 81 -18.60 -3.14 -1.54
C HIS C 81 -18.06 -1.83 -2.11
N THR C 82 -18.48 -1.45 -3.31
CA THR C 82 -17.84 -0.31 -4.00
C THR C 82 -18.78 0.73 -4.62
N SER C 83 -20.01 0.36 -5.04
CA SER C 83 -20.85 1.30 -5.84
C SER C 83 -21.89 2.10 -5.04
N VAL C 84 -21.69 3.42 -4.97
CA VAL C 84 -22.74 4.30 -4.40
C VAL C 84 -23.81 4.48 -5.50
N ALA C 85 -23.37 4.51 -6.76
CA ALA C 85 -24.28 4.63 -7.92
C ALA C 85 -25.35 3.52 -7.89
N LEU C 86 -24.92 2.29 -7.59
CA LEU C 86 -25.87 1.15 -7.50
C LEU C 86 -26.87 1.39 -6.36
N LEU C 87 -26.39 1.82 -5.21
CA LEU C 87 -27.28 2.16 -4.06
C LEU C 87 -28.31 3.22 -4.48
N ASP C 88 -27.84 4.33 -5.07
CA ASP C 88 -28.72 5.42 -5.55
C ASP C 88 -29.79 4.85 -6.52
N ALA C 89 -29.37 3.96 -7.41
CA ALA C 89 -30.30 3.31 -8.36
C ALA C 89 -31.38 2.50 -7.64
N VAL C 90 -30.99 1.68 -6.66
CA VAL C 90 -31.97 0.92 -5.85
C VAL C 90 -32.97 1.90 -5.22
N LYS C 91 -32.48 3.00 -4.67
CA LYS C 91 -33.37 4.01 -4.02
C LYS C 91 -34.28 4.66 -5.06
N ALA C 92 -33.73 4.99 -6.22
CA ALA C 92 -34.52 5.59 -7.33
C ALA C 92 -35.62 4.62 -7.79
N SER C 93 -35.31 3.32 -7.84
CA SER C 93 -36.25 2.25 -8.25
C SER C 93 -37.48 2.24 -7.33
N GLU C 94 -37.26 2.52 -6.06
CA GLU C 94 -38.34 2.44 -5.03
C GLU C 94 -38.81 0.98 -4.87
N LEU C 95 -38.02 0.02 -5.34
CA LEU C 95 -38.39 -1.41 -5.23
C LEU C 95 -37.97 -1.96 -3.87
N PRO C 96 -38.87 -2.65 -3.13
CA PRO C 96 -38.45 -3.37 -1.93
C PRO C 96 -37.35 -4.32 -2.44
N THR C 97 -36.17 -4.29 -1.83
CA THR C 97 -35.02 -5.05 -2.37
C THR C 97 -34.42 -6.03 -1.32
N VAL C 98 -34.18 -7.27 -1.72
CA VAL C 98 -33.48 -8.26 -0.84
C VAL C 98 -32.08 -8.51 -1.41
N GLU C 99 -31.06 -8.29 -0.60
CA GLU C 99 -29.66 -8.51 -1.02
C GLU C 99 -29.29 -9.96 -0.72
N VAL C 100 -28.68 -10.62 -1.69
CA VAL C 100 -28.31 -12.04 -1.52
C VAL C 100 -26.83 -12.26 -1.83
N HIS C 101 -26.14 -12.97 -0.95
CA HIS C 101 -24.75 -13.40 -1.18
C HIS C 101 -24.68 -14.93 -1.02
N ILE C 102 -24.10 -15.60 -2.00
CA ILE C 102 -23.91 -17.08 -1.96
C ILE C 102 -22.96 -17.38 -0.81
N SER C 103 -21.89 -16.61 -0.73
CA SER C 103 -20.88 -16.74 0.35
C SER C 103 -21.27 -15.87 1.56
N ASN C 104 -20.52 -15.98 2.65
CA ASN C 104 -20.70 -15.13 3.86
C ASN C 104 -19.55 -14.11 3.85
N PRO C 105 -19.78 -12.89 3.34
CA PRO C 105 -18.72 -11.89 3.19
C PRO C 105 -18.03 -11.51 4.52
N HIS C 106 -18.76 -11.61 5.62
CA HIS C 106 -18.22 -11.22 6.94
C HIS C 106 -17.22 -12.27 7.46
N ALA C 107 -17.15 -13.44 6.84
CA ALA C 107 -16.17 -14.49 7.19
C ALA C 107 -14.99 -14.40 6.22
N ARG C 108 -14.98 -13.34 5.40
CA ARG C 108 -13.91 -13.21 4.37
C ARG C 108 -13.08 -11.92 4.58
N GLU C 109 -12.43 -11.42 3.54
CA GLU C 109 -11.54 -10.24 3.66
C GLU C 109 -12.31 -9.01 4.17
N GLU C 110 -11.62 -8.12 4.88
CA GLU C 110 -12.24 -6.91 5.49
C GLU C 110 -12.99 -6.07 4.44
N PHE C 111 -12.45 -5.98 3.23
CA PHE C 111 -13.08 -5.12 2.18
C PHE C 111 -14.47 -5.67 1.80
N ARG C 112 -14.72 -6.95 2.06
CA ARG C 112 -16.05 -7.58 1.78
C ARG C 112 -17.05 -7.33 2.92
N HIS C 113 -16.59 -6.75 4.03
CA HIS C 113 -17.45 -6.53 5.22
C HIS C 113 -18.36 -5.29 5.04
N HIS C 114 -18.21 -4.58 3.96
CA HIS C 114 -18.98 -3.34 3.74
C HIS C 114 -19.94 -3.49 2.54
N SER C 115 -21.21 -3.15 2.74
CA SER C 115 -22.21 -3.19 1.65
C SER C 115 -23.01 -1.88 1.59
N TYR C 116 -22.89 -1.14 0.49
CA TYR C 116 -23.75 0.05 0.29
C TYR C 116 -25.22 -0.41 0.19
N ILE C 117 -25.47 -1.55 -0.44
CA ILE C 117 -26.86 -2.07 -0.66
C ILE C 117 -27.59 -2.40 0.66
N SER C 118 -26.86 -2.88 1.65
CA SER C 118 -27.47 -3.23 2.96
C SER C 118 -28.13 -1.98 3.57
N LEU C 119 -27.68 -0.80 3.19
CA LEU C 119 -28.29 0.48 3.67
C LEU C 119 -29.73 0.63 3.14
N ALA C 120 -30.06 0.08 1.97
CA ALA C 120 -31.39 0.25 1.36
C ALA C 120 -32.22 -1.05 1.40
N ALA C 121 -31.57 -2.21 1.50
CA ALA C 121 -32.27 -3.50 1.44
C ALA C 121 -33.25 -3.70 2.61
N VAL C 122 -34.39 -4.31 2.33
CA VAL C 122 -35.33 -4.71 3.41
C VAL C 122 -34.68 -5.86 4.19
N SER C 123 -33.96 -6.73 3.49
CA SER C 123 -33.35 -7.91 4.12
C SER C 123 -32.03 -8.28 3.44
N VAL C 124 -31.13 -8.93 4.17
CA VAL C 124 -29.84 -9.39 3.61
C VAL C 124 -29.69 -10.88 3.95
N ILE C 125 -29.42 -11.70 2.96
CA ILE C 125 -29.26 -13.16 3.14
C ILE C 125 -27.86 -13.54 2.65
N ALA C 126 -27.08 -14.13 3.53
CA ALA C 126 -25.70 -14.45 3.16
C ALA C 126 -25.29 -15.87 3.58
N GLY C 127 -24.60 -16.57 2.70
CA GLY C 127 -24.02 -17.90 3.03
C GLY C 127 -24.96 -19.08 2.87
N ALA C 128 -26.17 -18.86 2.36
CA ALA C 128 -27.15 -19.95 2.17
C ALA C 128 -27.00 -20.61 0.80
N GLY C 129 -25.92 -20.31 0.09
CA GLY C 129 -25.76 -20.80 -1.29
C GLY C 129 -26.83 -20.23 -2.20
N ILE C 130 -27.21 -20.99 -3.23
CA ILE C 130 -28.27 -20.52 -4.17
C ILE C 130 -29.64 -20.48 -3.47
N GLN C 131 -29.77 -21.15 -2.34
CA GLN C 131 -31.08 -21.19 -1.60
C GLN C 131 -31.48 -19.76 -1.15
N GLY C 132 -30.50 -18.89 -0.90
CA GLY C 132 -30.78 -17.49 -0.55
C GLY C 132 -31.78 -16.84 -1.52
N TYR C 133 -31.69 -17.16 -2.81
CA TYR C 133 -32.57 -16.58 -3.84
C TYR C 133 -34.03 -17.02 -3.58
N ARG C 134 -34.20 -18.29 -3.21
CA ARG C 134 -35.55 -18.84 -2.88
C ARG C 134 -36.14 -18.06 -1.70
N PHE C 135 -35.37 -17.91 -0.63
CA PHE C 135 -35.82 -17.15 0.56
C PHE C 135 -36.17 -15.71 0.16
N ALA C 136 -35.34 -15.11 -0.69
CA ALA C 136 -35.54 -13.71 -1.12
C ALA C 136 -36.90 -13.59 -1.83
N VAL C 137 -37.20 -14.52 -2.72
CA VAL C 137 -38.53 -14.51 -3.40
C VAL C 137 -39.62 -14.62 -2.32
N ASP C 138 -39.45 -15.50 -1.35
CA ASP C 138 -40.42 -15.71 -0.24
C ASP C 138 -40.69 -14.36 0.47
N ILE C 139 -39.63 -13.65 0.80
CA ILE C 139 -39.76 -12.32 1.49
C ILE C 139 -40.63 -11.39 0.64
N LEU C 140 -40.28 -11.24 -0.64
CA LEU C 140 -41.00 -10.29 -1.54
C LEU C 140 -42.47 -10.71 -1.73
N ALA C 141 -42.73 -12.00 -1.86
CA ALA C 141 -44.10 -12.54 -2.07
C ALA C 141 -44.97 -12.22 -0.84
N ASN C 142 -44.37 -12.16 0.33
CA ASN C 142 -45.14 -11.91 1.58
C ASN C 142 -45.22 -10.40 1.90
N LEU C 143 -44.23 -9.61 1.46
CA LEU C 143 -44.27 -8.14 1.64
C LEU C 143 -45.47 -7.73 0.82
N LYS C 144 -45.44 -8.12 -0.45
CA LYS C 144 -46.58 -7.88 -1.36
C LYS C 144 -47.85 -8.46 -0.73
N GLY D 3 33.98 18.50 32.46
CA GLY D 3 32.59 18.35 31.98
C GLY D 3 32.53 17.93 30.53
N LYS D 4 31.81 16.83 30.23
CA LYS D 4 31.81 16.33 28.83
C LYS D 4 30.39 16.10 28.25
N ILE D 5 30.15 16.61 27.06
CA ILE D 5 28.85 16.43 26.36
C ILE D 5 29.00 15.39 25.25
N LEU D 6 28.12 14.40 25.22
CA LEU D 6 28.13 13.41 24.13
C LEU D 6 27.30 13.97 22.95
N LEU D 7 27.92 14.20 21.79
CA LEU D 7 27.23 14.66 20.57
C LEU D 7 27.08 13.46 19.64
N LEU D 8 25.84 13.03 19.43
CA LEU D 8 25.53 11.83 18.65
C LEU D 8 24.74 12.22 17.40
N ASN D 9 25.26 11.88 16.24
CA ASN D 9 24.55 12.07 14.97
C ASN D 9 24.30 10.69 14.36
N GLY D 10 23.04 10.44 13.98
CA GLY D 10 22.65 9.14 13.45
C GLY D 10 22.85 9.04 11.95
N PRO D 11 22.17 8.04 11.36
CA PRO D 11 22.35 7.70 9.96
C PRO D 11 22.12 8.85 8.97
N ASN D 12 22.96 8.91 7.94
CA ASN D 12 22.92 9.88 6.81
C ASN D 12 23.47 11.26 7.19
N LEU D 13 23.70 11.57 8.47
CA LEU D 13 24.14 12.93 8.86
C LEU D 13 25.57 13.18 8.36
N ASN D 14 26.35 12.14 8.07
CA ASN D 14 27.67 12.30 7.41
C ASN D 14 27.49 12.93 6.03
N MET D 15 26.31 12.84 5.42
CA MET D 15 26.09 13.39 4.07
C MET D 15 25.61 14.85 4.08
N LEU D 16 25.54 15.47 5.24
CA LEU D 16 25.05 16.85 5.39
C LEU D 16 25.88 17.77 4.50
N GLY D 17 25.18 18.56 3.70
CA GLY D 17 25.82 19.43 2.70
C GLY D 17 25.68 18.84 1.32
N LYS D 18 25.58 17.52 1.18
CA LYS D 18 25.42 16.84 -0.12
C LYS D 18 23.96 16.35 -0.26
N ALA D 19 23.40 15.77 0.79
CA ALA D 19 22.08 15.12 0.72
C ALA D 19 21.01 16.19 0.76
N GLU D 20 20.07 16.15 -0.19
CA GLU D 20 18.85 16.98 -0.24
C GLU D 20 19.13 18.38 0.34
N PRO D 21 20.02 19.16 -0.29
CA PRO D 21 20.37 20.48 0.20
C PRO D 21 19.21 21.47 0.29
N ASP D 22 18.17 21.34 -0.54
CA ASP D 22 16.94 22.20 -0.44
C ASP D 22 16.25 21.95 0.92
N ILE D 23 16.45 20.77 1.51
CA ILE D 23 15.85 20.43 2.83
C ILE D 23 16.86 20.67 3.97
N TYR D 24 18.12 20.24 3.85
CA TYR D 24 19.07 20.20 4.99
C TYR D 24 20.13 21.29 4.92
N GLY D 25 20.20 22.04 3.81
CA GLY D 25 21.15 23.15 3.64
C GLY D 25 22.51 22.69 3.14
N HIS D 26 23.50 23.60 3.22
CA HIS D 26 24.84 23.48 2.60
C HIS D 26 25.91 23.37 3.69
N ASP D 27 25.57 23.35 4.99
CA ASP D 27 26.60 23.13 6.05
C ASP D 27 26.91 21.63 6.16
N THR D 28 28.03 21.27 6.75
CA THR D 28 28.53 19.87 6.83
C THR D 28 28.52 19.40 8.28
N LEU D 29 28.63 18.09 8.46
CA LEU D 29 28.83 17.47 9.80
C LEU D 29 30.07 18.09 10.49
N GLU D 30 31.16 18.33 9.77
CA GLU D 30 32.33 19.04 10.35
C GLU D 30 31.89 20.40 10.91
N ASP D 31 31.09 21.18 10.19
CA ASP D 31 30.55 22.49 10.64
C ASP D 31 29.74 22.29 11.94
N VAL D 32 28.90 21.24 12.00
CA VAL D 32 28.12 20.89 13.21
C VAL D 32 29.06 20.67 14.40
N VAL D 33 30.04 19.81 14.26
CA VAL D 33 30.96 19.45 15.37
C VAL D 33 31.71 20.71 15.81
N ALA D 34 32.20 21.53 14.90
CA ALA D 34 33.00 22.74 15.25
C ALA D 34 32.09 23.76 16.00
N LEU D 35 30.84 23.92 15.56
CA LEU D 35 29.89 24.82 16.24
C LEU D 35 29.55 24.32 17.65
N ALA D 36 29.26 23.05 17.87
CA ALA D 36 28.93 22.52 19.20
C ALA D 36 30.17 22.67 20.10
N THR D 37 31.34 22.36 19.57
CA THR D 37 32.62 22.52 20.27
C THR D 37 32.84 23.98 20.73
N ALA D 38 32.65 24.96 19.83
CA ALA D 38 32.81 26.41 20.14
C ALA D 38 31.83 26.78 21.24
N GLU D 39 30.59 26.26 21.20
CA GLU D 39 29.58 26.67 22.21
C GLU D 39 29.91 26.01 23.54
N ALA D 40 30.30 24.74 23.55
CA ALA D 40 30.66 24.01 24.78
C ALA D 40 31.83 24.70 25.49
N ALA D 41 32.79 25.23 24.72
CA ALA D 41 33.99 25.92 25.26
C ALA D 41 33.60 27.20 26.00
N LYS D 42 32.52 27.87 25.60
CA LYS D 42 32.04 29.07 26.33
C LYS D 42 31.56 28.70 27.73
N HIS D 43 31.24 27.44 28.01
CA HIS D 43 30.79 26.95 29.34
C HIS D 43 31.89 26.09 29.99
N GLY D 44 33.08 26.03 29.40
CA GLY D 44 34.20 25.25 29.98
C GLY D 44 33.99 23.76 29.80
N LEU D 45 33.23 23.36 28.78
CA LEU D 45 33.00 21.93 28.50
C LEU D 45 33.65 21.52 27.20
N GLU D 46 33.87 20.22 27.12
CA GLU D 46 34.35 19.52 25.92
C GLU D 46 33.22 18.65 25.35
N VAL D 47 33.37 18.34 24.08
CA VAL D 47 32.39 17.52 23.33
C VAL D 47 33.10 16.25 22.88
N GLU D 48 32.46 15.12 23.07
CA GLU D 48 32.82 13.84 22.42
C GLU D 48 31.78 13.57 21.34
N ALA D 49 32.17 13.66 20.07
CA ALA D 49 31.28 13.59 18.89
C ALA D 49 31.41 12.22 18.23
N LEU D 50 30.28 11.61 17.88
CA LEU D 50 30.26 10.36 17.11
C LEU D 50 29.11 10.46 16.12
N GLN D 51 29.38 10.15 14.86
CA GLN D 51 28.32 9.94 13.85
C GLN D 51 28.41 8.50 13.40
N SER D 52 27.29 7.81 13.29
CA SER D 52 27.29 6.45 12.74
C SER D 52 26.03 6.18 11.94
N ASN D 53 26.17 5.35 10.91
CA ASN D 53 25.02 4.81 10.17
C ASN D 53 24.52 3.55 10.82
N HIS D 54 25.17 3.09 11.88
CA HIS D 54 24.87 1.83 12.57
C HIS D 54 24.21 2.13 13.92
N GLU D 55 22.94 1.76 14.10
CA GLU D 55 22.17 1.98 15.35
C GLU D 55 22.95 1.39 16.54
N GLY D 56 23.51 0.20 16.36
CA GLY D 56 24.24 -0.49 17.45
C GLY D 56 25.40 0.34 18.00
N GLU D 57 26.12 1.04 17.14
CA GLU D 57 27.27 1.91 17.54
C GLU D 57 26.77 3.09 18.35
N LEU D 58 25.61 3.65 18.02
CA LEU D 58 25.02 4.75 18.82
C LEU D 58 24.61 4.23 20.18
N ILE D 59 23.96 3.07 20.21
CA ILE D 59 23.51 2.47 21.49
C ILE D 59 24.75 2.21 22.36
N ASP D 60 25.82 1.61 21.80
CA ASP D 60 27.09 1.36 22.58
C ASP D 60 27.65 2.69 23.12
N ALA D 61 27.63 3.76 22.32
CA ALA D 61 28.13 5.09 22.75
C ALA D 61 27.31 5.61 23.94
N LEU D 62 25.98 5.43 23.93
CA LEU D 62 25.13 5.91 25.04
C LEU D 62 25.45 5.11 26.32
N HIS D 63 25.56 3.78 26.21
CA HIS D 63 25.92 2.93 27.38
C HIS D 63 27.28 3.39 27.94
N ASN D 64 28.26 3.61 27.10
CA ASN D 64 29.65 3.95 27.51
C ASN D 64 29.71 5.33 28.17
N ALA D 65 28.76 6.25 27.89
CA ALA D 65 28.76 7.65 28.40
C ALA D 65 28.04 7.73 29.74
N ARG D 66 27.40 6.65 30.17
CA ARG D 66 26.60 6.65 31.42
C ARG D 66 27.50 7.04 32.59
N GLY D 67 27.08 8.02 33.39
CA GLY D 67 27.82 8.44 34.58
C GLY D 67 29.06 9.26 34.25
N THR D 68 29.55 9.35 33.04
CA THR D 68 30.81 10.09 32.78
C THR D 68 30.57 11.41 32.01
N HIS D 69 29.39 11.59 31.39
CA HIS D 69 29.08 12.79 30.58
C HIS D 69 27.99 13.62 31.28
N ILE D 70 27.91 14.91 31.03
CA ILE D 70 26.86 15.72 31.69
C ILE D 70 25.52 15.65 30.92
N GLY D 71 25.53 15.27 29.65
CA GLY D 71 24.30 15.18 28.82
C GLY D 71 24.62 14.74 27.42
N CYS D 72 23.58 14.57 26.60
CA CYS D 72 23.69 14.10 25.23
C CYS D 72 22.92 15.06 24.33
N VAL D 73 23.52 15.48 23.24
CA VAL D 73 22.87 16.17 22.11
C VAL D 73 22.75 15.10 21.04
N ILE D 74 21.51 14.78 20.65
CA ILE D 74 21.29 13.70 19.64
C ILE D 74 20.43 14.16 18.47
N ASN D 75 20.91 13.93 17.27
CA ASN D 75 20.11 13.94 16.02
C ASN D 75 20.06 12.51 15.52
N PRO D 76 19.00 11.76 15.89
CA PRO D 76 18.96 10.33 15.60
C PRO D 76 18.78 10.04 14.10
N GLY D 77 18.56 11.08 13.28
CA GLY D 77 18.22 10.87 11.86
C GLY D 77 16.97 10.04 11.73
N GLY D 78 16.90 9.16 10.73
CA GLY D 78 15.71 8.34 10.45
C GLY D 78 15.33 7.47 11.63
N LEU D 79 16.27 7.13 12.53
CA LEU D 79 16.01 6.30 13.72
C LEU D 79 15.05 7.02 14.68
N THR D 80 14.91 8.34 14.55
CA THR D 80 13.97 9.17 15.34
C THR D 80 12.59 8.51 15.29
N HIS D 81 12.19 8.09 14.09
CA HIS D 81 10.80 7.75 13.73
C HIS D 81 10.58 6.25 13.91
N THR D 82 11.61 5.46 14.19
CA THR D 82 11.50 4.00 14.04
C THR D 82 12.06 3.23 15.24
N SER D 83 13.05 3.73 15.97
CA SER D 83 13.83 2.89 16.91
C SER D 83 13.38 3.02 18.38
N VAL D 84 12.77 1.97 18.90
CA VAL D 84 12.48 1.85 20.36
C VAL D 84 13.78 1.52 21.10
N ALA D 85 14.65 0.72 20.48
CA ALA D 85 15.95 0.34 21.05
C ALA D 85 16.76 1.60 21.35
N LEU D 86 16.78 2.58 20.43
CA LEU D 86 17.52 3.84 20.71
C LEU D 86 16.91 4.60 21.91
N LEU D 87 15.57 4.67 22.05
CA LEU D 87 14.89 5.33 23.19
C LEU D 87 15.31 4.58 24.46
N ASP D 88 15.29 3.24 24.45
CA ASP D 88 15.69 2.45 25.64
C ASP D 88 17.17 2.75 26.00
N ALA D 89 18.01 2.96 25.01
CA ALA D 89 19.44 3.28 25.20
C ALA D 89 19.60 4.66 25.86
N VAL D 90 18.88 5.65 25.37
CA VAL D 90 18.87 6.98 26.00
C VAL D 90 18.41 6.85 27.47
N LYS D 91 17.35 6.12 27.75
CA LYS D 91 16.93 5.91 29.17
C LYS D 91 18.03 5.18 29.99
N ALA D 92 18.66 4.16 29.43
CA ALA D 92 19.70 3.38 30.12
C ALA D 92 20.92 4.25 30.42
N SER D 93 21.28 5.18 29.54
CA SER D 93 22.41 6.12 29.71
C SER D 93 22.20 7.03 30.94
N GLU D 94 20.95 7.35 31.28
CA GLU D 94 20.54 8.38 32.27
C GLU D 94 21.10 9.78 31.94
N LEU D 95 21.55 10.02 30.72
CA LEU D 95 21.99 11.37 30.31
C LEU D 95 20.77 12.25 30.07
N PRO D 96 20.71 13.47 30.64
CA PRO D 96 19.81 14.51 30.12
C PRO D 96 20.11 14.69 28.63
N THR D 97 19.08 14.65 27.80
CA THR D 97 19.20 14.54 26.33
C THR D 97 18.40 15.65 25.65
N VAL D 98 19.04 16.33 24.73
CA VAL D 98 18.37 17.30 23.84
C VAL D 98 18.35 16.69 22.44
N GLU D 99 17.17 16.62 21.84
CA GLU D 99 16.99 16.09 20.49
C GLU D 99 17.06 17.26 19.52
N VAL D 100 17.86 17.14 18.48
CA VAL D 100 18.01 18.18 17.46
C VAL D 100 17.63 17.62 16.11
N HIS D 101 16.93 18.42 15.34
CA HIS D 101 16.69 18.17 13.89
C HIS D 101 17.05 19.42 13.13
N ILE D 102 17.75 19.24 12.02
CA ILE D 102 18.14 20.33 11.10
C ILE D 102 16.90 20.86 10.37
N SER D 103 16.11 19.94 9.84
CA SER D 103 14.84 20.26 9.17
C SER D 103 13.73 20.33 10.23
N ASN D 104 12.52 20.66 9.80
CA ASN D 104 11.30 20.68 10.64
C ASN D 104 10.47 19.47 10.28
N PRO D 105 10.56 18.36 11.00
CA PRO D 105 9.87 17.14 10.57
C PRO D 105 8.34 17.29 10.51
N HIS D 106 7.76 18.19 11.33
CA HIS D 106 6.31 18.40 11.45
C HIS D 106 5.80 19.08 10.18
N ALA D 107 6.67 19.67 9.37
CA ALA D 107 6.32 20.28 8.07
C ALA D 107 6.58 19.28 6.94
N ARG D 108 6.91 18.01 7.22
CA ARG D 108 7.26 17.02 6.17
C ARG D 108 6.26 15.86 6.20
N GLU D 109 6.66 14.71 5.68
CA GLU D 109 5.77 13.52 5.59
C GLU D 109 5.26 13.08 6.96
N GLU D 110 4.04 12.55 6.98
CA GLU D 110 3.39 12.11 8.23
C GLU D 110 4.30 11.15 9.03
N PHE D 111 5.02 10.25 8.37
CA PHE D 111 5.86 9.28 9.10
C PHE D 111 6.99 10.02 9.85
N ARG D 112 7.31 11.27 9.50
CA ARG D 112 8.35 12.04 10.22
C ARG D 112 7.76 12.79 11.43
N HIS D 113 6.46 12.67 11.69
CA HIS D 113 5.79 13.42 12.78
C HIS D 113 5.94 12.69 14.11
N HIS D 114 6.53 11.50 14.14
CA HIS D 114 6.59 10.66 15.34
C HIS D 114 8.05 10.54 15.74
N SER D 115 8.34 10.81 17.00
CA SER D 115 9.71 10.67 17.54
C SER D 115 9.66 9.85 18.83
N TYR D 116 10.31 8.70 18.88
CA TYR D 116 10.46 7.97 20.16
C TYR D 116 11.32 8.78 21.12
N ILE D 117 12.33 9.45 20.61
CA ILE D 117 13.33 10.15 21.47
C ILE D 117 12.64 11.34 22.17
N SER D 118 11.67 12.02 21.54
CA SER D 118 10.96 13.16 22.14
C SER D 118 10.28 12.74 23.45
N LEU D 119 10.00 11.46 23.63
CA LEU D 119 9.38 10.98 24.90
C LEU D 119 10.36 11.14 26.05
N ALA D 120 11.66 11.08 25.79
CA ALA D 120 12.66 11.07 26.86
C ALA D 120 13.45 12.40 26.89
N ALA D 121 13.51 13.12 25.80
CA ALA D 121 14.35 14.33 25.71
C ALA D 121 13.84 15.41 26.68
N VAL D 122 14.74 16.17 27.27
CA VAL D 122 14.39 17.37 28.07
C VAL D 122 13.94 18.47 27.11
N SER D 123 14.50 18.56 25.92
CA SER D 123 14.09 19.57 24.92
C SER D 123 14.22 18.99 23.52
N VAL D 124 13.51 19.60 22.60
CA VAL D 124 13.51 19.25 21.16
C VAL D 124 13.63 20.54 20.40
N ILE D 125 14.63 20.60 19.53
CA ILE D 125 14.86 21.78 18.65
C ILE D 125 14.81 21.29 17.21
N ALA D 126 13.95 21.88 16.41
CA ALA D 126 13.77 21.51 15.00
C ALA D 126 13.81 22.74 14.12
N GLY D 127 14.42 22.61 12.95
CA GLY D 127 14.31 23.56 11.85
C GLY D 127 15.27 24.72 11.99
N ALA D 128 16.16 24.70 12.96
CA ALA D 128 17.08 25.84 13.17
C ALA D 128 18.36 25.60 12.37
N GLY D 129 18.40 24.64 11.44
CA GLY D 129 19.67 24.31 10.75
C GLY D 129 20.73 23.87 11.76
N ILE D 130 22.01 24.13 11.49
CA ILE D 130 23.04 23.61 12.43
C ILE D 130 23.03 24.41 13.72
N GLN D 131 22.43 25.59 13.76
CA GLN D 131 22.38 26.39 15.01
C GLN D 131 21.70 25.63 16.12
N GLY D 132 20.80 24.69 15.79
CA GLY D 132 20.10 23.90 16.79
C GLY D 132 21.07 23.25 17.77
N TYR D 133 22.19 22.75 17.26
CA TYR D 133 23.22 22.07 18.08
C TYR D 133 23.83 23.04 19.08
N ARG D 134 23.99 24.29 18.68
CA ARG D 134 24.51 25.34 19.58
C ARG D 134 23.53 25.55 20.73
N PHE D 135 22.24 25.66 20.41
CA PHE D 135 21.23 25.87 21.47
C PHE D 135 21.19 24.66 22.39
N ALA D 136 21.39 23.45 21.85
CA ALA D 136 21.31 22.21 22.64
C ALA D 136 22.45 22.17 23.65
N VAL D 137 23.64 22.60 23.24
CA VAL D 137 24.78 22.67 24.19
C VAL D 137 24.46 23.65 25.31
N ASP D 138 23.97 24.83 24.97
CA ASP D 138 23.50 25.84 25.94
C ASP D 138 22.51 25.25 26.96
N ILE D 139 21.51 24.48 26.53
CA ILE D 139 20.55 23.85 27.47
C ILE D 139 21.30 22.93 28.41
N LEU D 140 22.17 22.09 27.89
CA LEU D 140 22.85 21.10 28.74
C LEU D 140 23.79 21.79 29.74
N ALA D 141 24.50 22.81 29.30
CA ALA D 141 25.45 23.53 30.19
C ALA D 141 24.69 24.18 31.35
N ASN D 142 23.46 24.61 31.09
CA ASN D 142 22.67 25.34 32.13
C ASN D 142 21.90 24.38 33.05
N LEU D 143 21.59 23.17 32.59
CA LEU D 143 20.93 22.17 33.44
C LEU D 143 21.98 21.74 34.45
N LYS D 144 23.15 21.33 33.94
CA LYS D 144 24.27 20.89 34.80
C LYS D 144 24.59 22.00 35.82
N LYS D 145 24.62 23.24 35.36
CA LYS D 145 24.92 24.40 36.21
C LYS D 145 23.86 24.48 37.32
N GLY E 3 30.36 2.43 -16.33
CA GLY E 3 28.92 2.13 -16.09
C GLY E 3 28.74 1.04 -15.05
N LYS E 4 28.36 1.40 -13.82
CA LYS E 4 28.25 0.36 -12.75
C LYS E 4 26.94 0.41 -11.94
N ILE E 5 26.29 -0.73 -11.76
CA ILE E 5 25.01 -0.83 -11.01
C ILE E 5 25.28 -1.33 -9.60
N LEU E 6 24.77 -0.62 -8.61
CA LEU E 6 24.90 -1.09 -7.22
C LEU E 6 23.75 -2.06 -6.94
N LEU E 7 24.08 -3.30 -6.65
CA LEU E 7 23.05 -4.31 -6.31
C LEU E 7 23.09 -4.60 -4.80
N LEU E 8 22.05 -4.20 -4.08
CA LEU E 8 22.01 -4.37 -2.61
C LEU E 8 20.91 -5.36 -2.22
N ASN E 9 21.28 -6.33 -1.40
CA ASN E 9 20.30 -7.29 -0.85
C ASN E 9 20.34 -7.12 0.67
N GLY E 10 19.17 -6.98 1.25
CA GLY E 10 19.08 -6.73 2.70
C GLY E 10 19.10 -7.98 3.56
N PRO E 11 18.67 -7.86 4.82
CA PRO E 11 18.75 -8.96 5.76
C PRO E 11 18.02 -10.27 5.38
N ASN E 12 18.66 -11.40 5.66
CA ASN E 12 18.05 -12.74 5.45
C ASN E 12 18.16 -13.25 4.00
N LEU E 13 18.51 -12.39 3.05
CA LEU E 13 18.58 -12.82 1.62
C LEU E 13 19.75 -13.79 1.39
N ASN E 14 20.72 -13.81 2.30
CA ASN E 14 21.81 -14.83 2.25
C ASN E 14 21.18 -16.23 2.40
N MET E 15 20.01 -16.29 3.01
CA MET E 15 19.33 -17.59 3.27
C MET E 15 18.43 -18.02 2.08
N LEU E 16 18.45 -17.27 0.98
CA LEU E 16 17.63 -17.61 -0.22
C LEU E 16 17.88 -19.07 -0.64
N GLY E 17 16.81 -19.84 -0.86
CA GLY E 17 16.93 -21.25 -1.23
C GLY E 17 16.72 -22.18 -0.05
N LYS E 18 17.00 -21.70 1.16
CA LYS E 18 16.76 -22.49 2.39
C LYS E 18 15.58 -21.92 3.18
N ALA E 19 15.51 -20.61 3.29
CA ALA E 19 14.44 -19.97 4.08
C ALA E 19 13.10 -19.96 3.35
N GLU E 20 12.04 -20.40 4.02
CA GLU E 20 10.66 -20.32 3.48
C GLU E 20 10.62 -20.53 1.96
N PRO E 21 11.07 -21.70 1.45
CA PRO E 21 11.11 -21.98 0.00
C PRO E 21 9.73 -21.96 -0.70
N ASP E 22 8.65 -22.23 0.03
CA ASP E 22 7.28 -22.14 -0.54
C ASP E 22 6.94 -20.69 -0.91
N ILE E 23 7.57 -19.72 -0.25
CA ILE E 23 7.36 -18.28 -0.54
C ILE E 23 8.46 -17.72 -1.47
N TYR E 24 9.74 -18.00 -1.17
CA TYR E 24 10.86 -17.37 -1.92
C TYR E 24 11.48 -18.27 -3.00
N GLY E 25 11.08 -19.54 -3.04
CA GLY E 25 11.61 -20.47 -4.04
C GLY E 25 12.94 -21.14 -3.68
N HIS E 26 13.59 -21.78 -4.65
CA HIS E 26 14.82 -22.57 -4.38
C HIS E 26 16.08 -21.93 -4.98
N ASP E 27 15.95 -20.79 -5.62
CA ASP E 27 17.13 -20.07 -6.16
C ASP E 27 17.95 -19.47 -5.01
N THR E 28 19.23 -19.23 -5.25
CA THR E 28 20.15 -18.74 -4.21
C THR E 28 20.55 -17.29 -4.46
N LEU E 29 21.20 -16.67 -3.47
CA LEU E 29 21.72 -15.29 -3.66
C LEU E 29 22.78 -15.29 -4.76
N GLU E 30 23.57 -16.37 -4.84
CA GLU E 30 24.58 -16.52 -5.93
C GLU E 30 23.87 -16.44 -7.29
N ASP E 31 22.73 -17.13 -7.42
CA ASP E 31 21.92 -17.11 -8.67
C ASP E 31 21.48 -15.67 -8.98
N VAL E 32 20.98 -14.97 -7.96
CA VAL E 32 20.56 -13.53 -8.12
C VAL E 32 21.74 -12.73 -8.69
N VAL E 33 22.89 -12.81 -8.02
CA VAL E 33 24.05 -11.95 -8.44
C VAL E 33 24.47 -12.34 -9.87
N ALA E 34 24.54 -13.64 -10.16
CA ALA E 34 24.98 -14.12 -11.49
C ALA E 34 24.00 -13.64 -12.59
N LEU E 35 22.70 -13.75 -12.34
CA LEU E 35 21.67 -13.30 -13.31
C LEU E 35 21.77 -11.79 -13.57
N ALA E 36 21.89 -11.01 -12.51
CA ALA E 36 22.02 -9.54 -12.62
C ALA E 36 23.32 -9.18 -13.36
N THR E 37 24.40 -9.87 -13.01
CA THR E 37 25.72 -9.66 -13.69
C THR E 37 25.63 -9.95 -15.20
N ALA E 38 25.05 -11.08 -15.58
CA ALA E 38 24.93 -11.46 -17.01
C ALA E 38 24.05 -10.44 -17.78
N GLU E 39 22.96 -10.01 -17.17
CA GLU E 39 22.05 -9.03 -17.83
C GLU E 39 22.79 -7.70 -18.02
N ALA E 40 23.50 -7.26 -16.99
CA ALA E 40 24.23 -5.98 -17.08
C ALA E 40 25.28 -6.06 -18.20
N ALA E 41 25.96 -7.22 -18.33
CA ALA E 41 27.02 -7.43 -19.34
C ALA E 41 26.47 -7.23 -20.77
N LYS E 42 25.25 -7.68 -21.01
CA LYS E 42 24.58 -7.46 -22.34
C LYS E 42 24.58 -5.96 -22.68
N HIS E 43 24.49 -5.08 -21.70
CA HIS E 43 24.45 -3.61 -21.94
C HIS E 43 25.80 -2.92 -21.72
N GLY E 44 26.89 -3.68 -21.72
CA GLY E 44 28.21 -3.08 -21.49
C GLY E 44 28.39 -2.61 -20.06
N LEU E 45 27.63 -3.16 -19.13
CA LEU E 45 27.66 -2.70 -17.72
C LEU E 45 28.13 -3.79 -16.76
N GLU E 46 28.65 -3.35 -15.61
CA GLU E 46 29.07 -4.28 -14.55
C GLU E 46 28.18 -4.06 -13.31
N VAL E 47 28.20 -5.01 -12.38
CA VAL E 47 27.42 -4.90 -11.14
C VAL E 47 28.35 -5.00 -9.92
N GLU E 48 28.16 -4.15 -8.94
CA GLU E 48 28.86 -4.30 -7.64
C GLU E 48 27.80 -4.79 -6.66
N ALA E 49 27.94 -6.02 -6.17
CA ALA E 49 26.87 -6.61 -5.33
C ALA E 49 27.27 -6.69 -3.85
N LEU E 50 26.28 -6.45 -3.00
CA LEU E 50 26.49 -6.55 -1.54
C LEU E 50 25.21 -7.04 -0.86
N GLN E 51 25.32 -8.01 0.02
CA GLN E 51 24.17 -8.43 0.88
C GLN E 51 24.65 -8.26 2.32
N SER E 52 23.77 -7.78 3.19
CA SER E 52 24.11 -7.64 4.63
C SER E 52 22.89 -7.78 5.54
N ASN E 53 23.14 -8.27 6.74
CA ASN E 53 22.09 -8.38 7.77
C ASN E 53 22.16 -7.09 8.59
N HIS E 54 23.01 -6.15 8.17
CA HIS E 54 23.23 -4.86 8.88
C HIS E 54 22.81 -3.66 8.01
N GLU E 55 21.81 -2.91 8.47
CA GLU E 55 21.30 -1.71 7.75
C GLU E 55 22.43 -0.70 7.49
N GLY E 56 23.29 -0.46 8.49
CA GLY E 56 24.40 0.49 8.36
C GLY E 56 25.35 0.16 7.20
N GLU E 57 25.54 -1.13 6.93
CA GLU E 57 26.42 -1.55 5.80
C GLU E 57 25.77 -1.17 4.47
N LEU E 58 24.46 -1.37 4.33
CA LEU E 58 23.73 -0.94 3.12
C LEU E 58 23.80 0.59 2.97
N ILE E 59 23.58 1.31 4.06
CA ILE E 59 23.63 2.80 4.03
C ILE E 59 25.02 3.27 3.58
N ASP E 60 26.06 2.67 4.14
CA ASP E 60 27.47 3.03 3.78
C ASP E 60 27.66 2.80 2.27
N ALA E 61 27.13 1.70 1.75
CA ALA E 61 27.28 1.35 0.31
C ALA E 61 26.61 2.40 -0.59
N LEU E 62 25.41 2.84 -0.21
CA LEU E 62 24.69 3.87 -0.98
C LEU E 62 25.50 5.17 -0.98
N HIS E 63 26.02 5.54 0.18
CA HIS E 63 26.83 6.77 0.31
C HIS E 63 28.07 6.66 -0.59
N ASN E 64 28.74 5.51 -0.51
CA ASN E 64 30.00 5.29 -1.26
C ASN E 64 29.76 5.23 -2.78
N ALA E 65 28.55 4.90 -3.21
CA ALA E 65 28.22 4.78 -4.65
C ALA E 65 27.73 6.10 -5.25
N ARG E 66 27.48 7.13 -4.42
CA ARG E 66 26.99 8.43 -4.92
C ARG E 66 27.95 8.94 -5.99
N GLY E 67 27.42 9.41 -7.11
CA GLY E 67 28.23 10.05 -8.17
C GLY E 67 29.09 9.07 -8.98
N THR E 68 29.21 7.78 -8.65
CA THR E 68 30.09 6.86 -9.41
C THR E 68 29.31 5.71 -10.04
N HIS E 69 28.06 5.50 -9.69
CA HIS E 69 27.26 4.34 -10.17
C HIS E 69 26.12 4.88 -10.97
N ILE E 70 25.51 4.09 -11.85
CA ILE E 70 24.44 4.61 -12.73
C ILE E 70 23.09 4.42 -12.04
N GLY E 71 23.01 3.58 -11.01
CA GLY E 71 21.75 3.23 -10.39
C GLY E 71 21.91 2.12 -9.37
N CYS E 72 20.84 1.83 -8.66
CA CYS E 72 20.81 0.86 -7.57
C CYS E 72 19.63 -0.07 -7.84
N VAL E 73 19.87 -1.37 -7.73
CA VAL E 73 18.82 -2.38 -7.61
C VAL E 73 18.82 -2.80 -6.16
N ILE E 74 17.70 -2.67 -5.45
CA ILE E 74 17.68 -2.98 -4.00
C ILE E 74 16.50 -3.87 -3.66
N ASN E 75 16.79 -4.98 -3.01
CA ASN E 75 15.82 -5.76 -2.25
C ASN E 75 16.12 -5.52 -0.77
N PRO E 76 15.39 -4.61 -0.09
CA PRO E 76 15.72 -4.23 1.27
C PRO E 76 15.43 -5.32 2.31
N GLY E 77 14.78 -6.41 1.95
CA GLY E 77 14.37 -7.42 2.93
C GLY E 77 13.33 -6.82 3.88
N GLY E 78 13.36 -7.19 5.16
CA GLY E 78 12.39 -6.69 6.15
C GLY E 78 12.54 -5.20 6.41
N LEU E 79 13.70 -4.61 6.09
CA LEU E 79 13.93 -3.16 6.19
C LEU E 79 12.96 -2.38 5.28
N THR E 80 12.41 -3.01 4.24
CA THR E 80 11.47 -2.38 3.28
C THR E 80 10.36 -1.68 4.09
N HIS E 81 9.90 -2.36 5.11
CA HIS E 81 8.67 -2.03 5.86
C HIS E 81 8.97 -1.14 7.06
N THR E 82 10.24 -0.99 7.46
CA THR E 82 10.59 -0.45 8.79
C THR E 82 11.59 0.71 8.71
N SER E 83 12.44 0.83 7.69
CA SER E 83 13.60 1.74 7.79
C SER E 83 13.37 3.07 7.07
N VAL E 84 13.17 4.14 7.81
CA VAL E 84 13.26 5.53 7.26
C VAL E 84 14.70 5.85 6.90
N ALA E 85 15.67 5.41 7.74
CA ALA E 85 17.11 5.69 7.54
C ALA E 85 17.57 5.14 6.16
N LEU E 86 17.03 3.98 5.75
CA LEU E 86 17.41 3.41 4.43
C LEU E 86 16.82 4.25 3.29
N LEU E 87 15.58 4.74 3.43
CA LEU E 87 15.01 5.65 2.40
C LEU E 87 15.86 6.93 2.30
N ASP E 88 16.21 7.51 3.44
CA ASP E 88 17.06 8.73 3.43
C ASP E 88 18.40 8.43 2.72
N ALA E 89 19.02 7.27 2.94
CA ALA E 89 20.26 6.86 2.24
C ALA E 89 20.08 6.76 0.72
N VAL E 90 18.97 6.18 0.27
CA VAL E 90 18.67 6.10 -1.18
C VAL E 90 18.63 7.54 -1.71
N LYS E 91 17.96 8.44 -1.00
CA LYS E 91 17.85 9.85 -1.43
C LYS E 91 19.23 10.54 -1.42
N ALA E 92 20.01 10.30 -0.36
CA ALA E 92 21.36 10.89 -0.26
C ALA E 92 22.25 10.40 -1.42
N SER E 93 22.10 9.15 -1.85
CA SER E 93 22.92 8.49 -2.92
C SER E 93 22.69 9.18 -4.28
N GLU E 94 21.51 9.78 -4.46
CA GLU E 94 20.99 10.30 -5.76
C GLU E 94 21.02 9.23 -6.86
N LEU E 95 21.12 7.93 -6.55
CA LEU E 95 21.04 6.87 -7.56
C LEU E 95 19.57 6.64 -7.95
N PRO E 96 19.23 6.63 -9.26
CA PRO E 96 17.99 6.04 -9.75
C PRO E 96 17.88 4.61 -9.25
N THR E 97 16.81 4.29 -8.55
CA THR E 97 16.71 3.04 -7.77
C THR E 97 15.49 2.22 -8.20
N VAL E 98 15.68 0.93 -8.42
CA VAL E 98 14.62 -0.07 -8.66
C VAL E 98 14.56 -0.96 -7.42
N GLU E 99 13.37 -1.00 -6.84
CA GLU E 99 13.04 -1.89 -5.73
C GLU E 99 12.59 -3.24 -6.27
N VAL E 100 13.15 -4.31 -5.71
CA VAL E 100 12.84 -5.68 -6.12
C VAL E 100 12.41 -6.50 -4.91
N HIS E 101 11.30 -7.18 -5.07
CA HIS E 101 10.85 -8.21 -4.11
C HIS E 101 10.64 -9.52 -4.86
N ILE E 102 11.19 -10.59 -4.31
CA ILE E 102 11.06 -11.95 -4.87
C ILE E 102 9.61 -12.42 -4.75
N SER E 103 9.05 -12.32 -3.54
CA SER E 103 7.62 -12.60 -3.25
C SER E 103 6.79 -11.37 -3.66
N ASN E 104 5.48 -11.51 -3.62
CA ASN E 104 4.54 -10.40 -3.80
C ASN E 104 4.10 -9.99 -2.41
N PRO E 105 4.67 -8.93 -1.80
CA PRO E 105 4.31 -8.57 -0.43
C PRO E 105 2.82 -8.22 -0.27
N HIS E 106 2.17 -7.73 -1.33
CA HIS E 106 0.73 -7.34 -1.27
C HIS E 106 -0.15 -8.55 -1.03
N ALA E 107 0.30 -9.74 -1.36
CA ALA E 107 -0.41 -11.00 -1.12
C ALA E 107 -0.10 -11.53 0.28
N ARG E 108 0.69 -10.86 1.12
CA ARG E 108 1.12 -11.47 2.40
C ARG E 108 0.53 -10.62 3.53
N GLU E 109 1.10 -10.67 4.74
CA GLU E 109 0.54 -9.99 5.93
C GLU E 109 0.49 -8.47 5.69
N GLU E 110 -0.44 -7.80 6.36
CA GLU E 110 -0.66 -6.34 6.19
C GLU E 110 0.63 -5.55 6.45
N PHE E 111 1.46 -5.94 7.42
CA PHE E 111 2.69 -5.21 7.77
C PHE E 111 3.67 -5.24 6.59
N ARG E 112 3.54 -6.20 5.67
CA ARG E 112 4.41 -6.21 4.47
C ARG E 112 3.81 -5.38 3.32
N HIS E 113 2.64 -4.73 3.47
CA HIS E 113 2.03 -3.97 2.34
C HIS E 113 2.68 -2.58 2.19
N HIS E 114 3.51 -2.12 3.12
CA HIS E 114 4.01 -0.72 3.17
C HIS E 114 5.50 -0.76 2.87
N SER E 115 5.97 0.10 1.98
CA SER E 115 7.40 0.22 1.64
C SER E 115 7.81 1.67 1.71
N TYR E 116 8.82 1.99 2.53
CA TYR E 116 9.44 3.34 2.47
C TYR E 116 10.17 3.59 1.16
N ILE E 117 10.86 2.58 0.65
CA ILE E 117 11.71 2.71 -0.56
C ILE E 117 10.80 2.98 -1.77
N SER E 118 9.58 2.44 -1.81
CA SER E 118 8.63 2.60 -2.95
C SER E 118 8.31 4.09 -3.15
N LEU E 119 8.45 4.90 -2.11
CA LEU E 119 8.19 6.37 -2.24
C LEU E 119 9.21 7.02 -3.16
N ALA E 120 10.44 6.50 -3.21
CA ALA E 120 11.60 7.13 -3.88
C ALA E 120 12.02 6.34 -5.12
N ALA E 121 11.70 5.06 -5.20
CA ALA E 121 12.06 4.19 -6.35
C ALA E 121 11.53 4.75 -7.68
N VAL E 122 12.31 4.59 -8.75
CA VAL E 122 11.79 4.88 -10.12
C VAL E 122 10.82 3.75 -10.50
N SER E 123 11.10 2.49 -10.09
CA SER E 123 10.26 1.32 -10.39
C SER E 123 10.27 0.38 -9.20
N VAL E 124 9.17 -0.36 -9.09
CA VAL E 124 9.02 -1.45 -8.09
C VAL E 124 8.59 -2.69 -8.86
N ILE E 125 9.29 -3.79 -8.61
CA ILE E 125 9.02 -5.11 -9.24
C ILE E 125 8.83 -6.08 -8.11
N ALA E 126 7.69 -6.77 -8.08
CA ALA E 126 7.40 -7.72 -6.98
C ALA E 126 6.83 -9.02 -7.53
N GLY E 127 7.21 -10.15 -6.95
CA GLY E 127 6.63 -11.47 -7.23
C GLY E 127 7.15 -12.05 -8.52
N ALA E 128 8.17 -11.51 -9.17
CA ALA E 128 8.72 -12.17 -10.39
C ALA E 128 9.82 -13.19 -10.04
N GLY E 129 9.95 -13.59 -8.78
CA GLY E 129 11.09 -14.44 -8.36
C GLY E 129 12.38 -13.68 -8.54
N ILE E 130 13.46 -14.38 -8.87
CA ILE E 130 14.78 -13.72 -9.04
C ILE E 130 14.82 -13.08 -10.41
N GLN E 131 13.90 -13.39 -11.32
CA GLN E 131 13.87 -12.69 -12.63
C GLN E 131 13.66 -11.19 -12.43
N GLY E 132 13.07 -10.78 -11.31
CA GLY E 132 12.86 -9.35 -11.04
C GLY E 132 14.18 -8.60 -11.08
N TYR E 133 15.28 -9.23 -10.66
CA TYR E 133 16.57 -8.53 -10.71
C TYR E 133 17.05 -8.34 -12.15
N ARG E 134 16.76 -9.27 -13.05
CA ARG E 134 17.08 -9.08 -14.49
C ARG E 134 16.36 -7.86 -15.06
N PHE E 135 15.06 -7.75 -14.81
CA PHE E 135 14.26 -6.60 -15.34
C PHE E 135 14.77 -5.30 -14.74
N ALA E 136 15.12 -5.30 -13.45
CA ALA E 136 15.62 -4.09 -12.75
C ALA E 136 16.89 -3.60 -13.45
N VAL E 137 17.82 -4.52 -13.79
CA VAL E 137 19.05 -4.13 -14.52
C VAL E 137 18.66 -3.53 -15.87
N ASP E 138 17.68 -4.13 -16.53
CA ASP E 138 17.27 -3.63 -17.88
C ASP E 138 16.69 -2.21 -17.75
N ILE E 139 15.86 -1.95 -16.73
CA ILE E 139 15.37 -0.55 -16.46
C ILE E 139 16.55 0.41 -16.32
N LEU E 140 17.50 0.11 -15.45
CA LEU E 140 18.63 1.06 -15.18
C LEU E 140 19.49 1.29 -16.45
N ALA E 141 19.72 0.24 -17.24
CA ALA E 141 20.56 0.35 -18.47
C ALA E 141 19.87 1.27 -19.48
N ASN E 142 18.56 1.20 -19.55
CA ASN E 142 17.78 2.00 -20.53
C ASN E 142 17.56 3.45 -20.04
N LEU E 143 17.53 3.68 -18.73
CA LEU E 143 17.45 5.06 -18.18
C LEU E 143 18.79 5.69 -18.53
N LYS E 144 19.87 4.98 -18.20
CA LYS E 144 21.24 5.44 -18.53
C LYS E 144 21.35 5.76 -20.03
N LYS E 145 20.77 4.91 -20.89
CA LYS E 145 20.79 5.21 -22.36
C LYS E 145 20.06 6.53 -22.65
N GLY F 3 22.39 -31.57 23.07
CA GLY F 3 21.11 -30.81 22.97
C GLY F 3 21.35 -29.35 23.28
N LYS F 4 21.19 -28.45 22.31
CA LYS F 4 21.59 -27.03 22.56
C LYS F 4 20.46 -26.01 22.35
N ILE F 5 20.27 -25.12 23.31
CA ILE F 5 19.27 -24.03 23.20
C ILE F 5 20.00 -22.72 22.88
N LEU F 6 19.51 -22.00 21.90
CA LEU F 6 20.10 -20.67 21.61
C LEU F 6 19.38 -19.62 22.47
N LEU F 7 20.12 -18.93 23.32
CA LEU F 7 19.57 -17.87 24.15
C LEU F 7 20.01 -16.52 23.57
N LEU F 8 19.04 -15.76 23.07
CA LEU F 8 19.36 -14.46 22.45
C LEU F 8 18.73 -13.31 23.24
N ASN F 9 19.54 -12.33 23.60
CA ASN F 9 19.04 -11.13 24.29
C ASN F 9 19.36 -9.94 23.39
N GLY F 10 18.38 -9.09 23.15
CA GLY F 10 18.56 -7.99 22.22
C GLY F 10 19.18 -6.74 22.81
N PRO F 11 19.06 -5.61 22.11
CA PRO F 11 19.65 -4.37 22.56
C PRO F 11 19.31 -3.88 23.98
N ASN F 12 20.30 -3.34 24.70
CA ASN F 12 20.11 -2.73 26.05
C ASN F 12 20.09 -3.76 27.19
N LEU F 13 19.88 -5.04 26.87
CA LEU F 13 19.78 -6.10 27.93
C LEU F 13 21.12 -6.25 28.68
N ASN F 14 22.24 -5.86 28.08
CA ASN F 14 23.55 -5.84 28.77
C ASN F 14 23.48 -4.88 29.96
N MET F 15 22.59 -3.89 29.92
CA MET F 15 22.44 -2.87 31.00
C MET F 15 21.46 -3.34 32.10
N LEU F 16 21.03 -4.60 32.05
CA LEU F 16 20.12 -5.14 33.09
C LEU F 16 20.74 -4.97 34.48
N GLY F 17 19.99 -4.43 35.42
CA GLY F 17 20.48 -4.15 36.78
C GLY F 17 20.76 -2.68 36.96
N LYS F 18 21.18 -2.00 35.90
CA LYS F 18 21.51 -0.56 35.96
C LYS F 18 20.39 0.26 35.32
N ALA F 19 19.79 -0.25 34.25
CA ALA F 19 18.79 0.52 33.49
C ALA F 19 17.36 0.40 34.07
N GLU F 20 16.73 1.54 34.35
CA GLU F 20 15.32 1.56 34.79
C GLU F 20 15.01 0.40 35.75
N PRO F 21 15.69 0.34 36.92
CA PRO F 21 15.53 -0.78 37.84
C PRO F 21 14.09 -0.91 38.39
N ASP F 22 13.33 0.18 38.45
CA ASP F 22 11.90 0.15 38.88
C ASP F 22 11.06 -0.66 37.89
N ILE F 23 11.52 -0.81 36.67
CA ILE F 23 10.80 -1.59 35.64
C ILE F 23 11.45 -2.97 35.43
N TYR F 24 12.77 -3.04 35.31
CA TYR F 24 13.44 -4.31 34.94
C TYR F 24 14.07 -5.10 36.11
N GLY F 25 14.12 -4.50 37.29
CA GLY F 25 14.71 -5.17 38.46
C GLY F 25 16.21 -4.97 38.63
N HIS F 26 16.82 -5.67 39.59
CA HIS F 26 18.25 -5.49 39.92
C HIS F 26 19.09 -6.68 39.49
N ASP F 27 18.46 -7.69 38.90
CA ASP F 27 19.19 -8.87 38.35
C ASP F 27 19.96 -8.45 37.10
N THR F 28 21.02 -9.16 36.77
CA THR F 28 21.90 -8.81 35.64
C THR F 28 21.76 -9.81 34.49
N LEU F 29 22.38 -9.51 33.34
CA LEU F 29 22.40 -10.45 32.20
C LEU F 29 23.13 -11.74 32.61
N GLU F 30 24.20 -11.61 33.40
CA GLU F 30 24.95 -12.80 33.91
C GLU F 30 23.98 -13.69 34.68
N ASP F 31 23.12 -13.10 35.49
CA ASP F 31 22.10 -13.85 36.25
C ASP F 31 21.17 -14.60 35.30
N VAL F 32 20.71 -13.92 34.24
CA VAL F 32 19.77 -14.54 33.24
C VAL F 32 20.46 -15.75 32.62
N VAL F 33 21.70 -15.59 32.17
CA VAL F 33 22.43 -16.69 31.47
C VAL F 33 22.66 -17.87 32.44
N ALA F 34 23.06 -17.57 33.66
CA ALA F 34 23.28 -18.62 34.68
C ALA F 34 21.97 -19.38 34.95
N LEU F 35 20.88 -18.64 35.14
CA LEU F 35 19.56 -19.27 35.42
C LEU F 35 19.16 -20.19 34.26
N ALA F 36 19.22 -19.69 33.04
CA ALA F 36 18.84 -20.50 31.87
C ALA F 36 19.77 -21.73 31.76
N THR F 37 21.06 -21.53 31.98
CA THR F 37 22.06 -22.62 31.87
C THR F 37 21.76 -23.73 32.89
N ALA F 38 21.44 -23.35 34.12
CA ALA F 38 21.13 -24.32 35.19
C ALA F 38 19.81 -25.07 34.87
N GLU F 39 18.79 -24.35 34.42
CA GLU F 39 17.52 -25.02 34.05
C GLU F 39 17.81 -26.02 32.92
N ALA F 40 18.60 -25.60 31.95
CA ALA F 40 18.94 -26.47 30.79
C ALA F 40 19.69 -27.72 31.26
N ALA F 41 20.61 -27.57 32.21
CA ALA F 41 21.42 -28.70 32.72
C ALA F 41 20.53 -29.72 33.46
N LYS F 42 19.45 -29.25 34.07
CA LYS F 42 18.48 -30.16 34.75
C LYS F 42 17.86 -31.11 33.72
N HIS F 43 17.81 -30.71 32.46
CA HIS F 43 17.20 -31.52 31.38
C HIS F 43 18.29 -32.10 30.46
N GLY F 44 19.55 -32.06 30.88
CA GLY F 44 20.65 -32.59 30.07
C GLY F 44 20.91 -31.79 28.81
N LEU F 45 20.60 -30.48 28.84
CA LEU F 45 20.78 -29.62 27.66
C LEU F 45 21.80 -28.52 27.96
N GLU F 46 22.37 -27.95 26.90
CA GLU F 46 23.32 -26.83 27.05
C GLU F 46 22.69 -25.55 26.49
N VAL F 47 23.29 -24.41 26.79
CA VAL F 47 22.76 -23.09 26.31
C VAL F 47 23.87 -22.31 25.61
N GLU F 48 23.65 -21.90 24.37
CA GLU F 48 24.59 -21.01 23.66
C GLU F 48 23.97 -19.61 23.77
N ALA F 49 24.57 -18.75 24.58
CA ALA F 49 23.98 -17.44 24.86
C ALA F 49 24.68 -16.31 24.10
N LEU F 50 23.88 -15.36 23.62
CA LEU F 50 24.45 -14.15 22.98
C LEU F 50 23.56 -12.93 23.26
N GLN F 51 24.16 -11.80 23.63
CA GLN F 51 23.43 -10.52 23.73
C GLN F 51 24.14 -9.56 22.79
N SER F 52 23.39 -8.68 22.15
CA SER F 52 23.99 -7.68 21.24
C SER F 52 23.08 -6.47 21.05
N ASN F 53 23.70 -5.31 20.85
CA ASN F 53 22.98 -4.05 20.50
C ASN F 53 22.95 -3.98 18.97
N HIS F 54 23.49 -5.01 18.32
CA HIS F 54 23.57 -5.05 16.84
C HIS F 54 22.60 -6.11 16.27
N GLU F 55 21.51 -5.67 15.67
CA GLU F 55 20.49 -6.61 15.10
C GLU F 55 21.11 -7.64 14.15
N GLY F 56 22.04 -7.23 13.29
CA GLY F 56 22.71 -8.14 12.34
C GLY F 56 23.37 -9.33 13.04
N GLU F 57 23.94 -9.11 14.22
CA GLU F 57 24.58 -10.21 15.00
C GLU F 57 23.53 -11.24 15.45
N LEU F 58 22.39 -10.77 15.94
CA LEU F 58 21.28 -11.68 16.35
C LEU F 58 20.80 -12.47 15.14
N ILE F 59 20.65 -11.81 14.00
CA ILE F 59 20.19 -12.47 12.75
C ILE F 59 21.20 -13.56 12.34
N ASP F 60 22.49 -13.22 12.34
CA ASP F 60 23.56 -14.20 12.01
C ASP F 60 23.49 -15.41 12.99
N ALA F 61 23.29 -15.15 14.27
CA ALA F 61 23.21 -16.23 15.28
C ALA F 61 22.06 -17.19 14.94
N LEU F 62 20.89 -16.62 14.60
CA LEU F 62 19.73 -17.46 14.23
C LEU F 62 20.06 -18.28 12.96
N HIS F 63 20.67 -17.65 11.97
CA HIS F 63 21.03 -18.36 10.72
C HIS F 63 21.96 -19.53 11.05
N ASN F 64 22.94 -19.29 11.91
CA ASN F 64 23.98 -20.31 12.24
C ASN F 64 23.44 -21.44 13.13
N ALA F 65 22.31 -21.22 13.80
CA ALA F 65 21.73 -22.24 14.71
C ALA F 65 20.74 -23.13 13.93
N ARG F 66 20.48 -22.79 12.68
CA ARG F 66 19.55 -23.60 11.86
C ARG F 66 20.02 -25.06 11.82
N GLY F 67 19.14 -25.99 12.19
CA GLY F 67 19.43 -27.43 12.10
C GLY F 67 20.29 -28.00 13.22
N THR F 68 20.87 -27.16 14.07
CA THR F 68 21.82 -27.62 15.11
C THR F 68 21.25 -27.44 16.53
N HIS F 69 20.20 -26.65 16.69
CA HIS F 69 19.69 -26.34 18.05
C HIS F 69 18.26 -26.85 18.21
N ILE F 70 17.85 -27.17 19.43
CA ILE F 70 16.47 -27.67 19.69
C ILE F 70 15.48 -26.50 19.69
N GLY F 71 15.99 -25.29 19.89
CA GLY F 71 15.11 -24.12 19.96
C GLY F 71 15.80 -22.83 20.33
N CYS F 72 15.00 -21.80 20.51
CA CYS F 72 15.54 -20.46 20.81
C CYS F 72 14.71 -19.77 21.89
N VAL F 73 15.39 -19.21 22.88
CA VAL F 73 14.71 -18.36 23.89
C VAL F 73 15.16 -16.95 23.52
N ILE F 74 14.21 -16.06 23.25
CA ILE F 74 14.61 -14.71 22.77
C ILE F 74 13.93 -13.57 23.52
N ASN F 75 14.71 -12.60 23.95
CA ASN F 75 14.20 -11.32 24.51
C ASN F 75 14.73 -10.29 23.50
N PRO F 76 13.94 -9.93 22.47
CA PRO F 76 14.43 -9.05 21.40
C PRO F 76 14.66 -7.59 21.81
N GLY F 77 14.32 -7.23 23.05
CA GLY F 77 14.38 -5.82 23.45
C GLY F 77 13.44 -4.98 22.60
N GLY F 78 13.84 -3.75 22.31
CA GLY F 78 13.01 -2.84 21.50
C GLY F 78 12.76 -3.32 20.08
N LEU F 79 13.62 -4.22 19.58
CA LEU F 79 13.43 -4.81 18.22
C LEU F 79 12.10 -5.58 18.19
N THR F 80 11.62 -5.96 19.38
CA THR F 80 10.35 -6.69 19.49
C THR F 80 9.25 -5.93 18.73
N HIS F 81 9.24 -4.61 18.86
CA HIS F 81 8.13 -3.78 18.33
C HIS F 81 8.46 -3.17 16.96
N THR F 82 9.65 -3.46 16.41
CA THR F 82 10.09 -2.72 15.21
C THR F 82 10.66 -3.58 14.07
N SER F 83 11.26 -4.75 14.35
CA SER F 83 12.00 -5.49 13.28
C SER F 83 11.26 -6.62 12.57
N VAL F 84 10.93 -6.42 11.30
CA VAL F 84 10.42 -7.53 10.47
C VAL F 84 11.62 -8.42 10.13
N ALA F 85 12.80 -7.81 9.97
CA ALA F 85 14.05 -8.55 9.68
C ALA F 85 14.29 -9.64 10.74
N LEU F 86 14.12 -9.29 12.01
CA LEU F 86 14.34 -10.27 13.12
C LEU F 86 13.31 -11.40 13.02
N LEU F 87 12.06 -11.06 12.72
CA LEU F 87 11.01 -12.09 12.49
C LEU F 87 11.44 -13.01 11.33
N ASP F 88 11.85 -12.41 10.20
CA ASP F 88 12.29 -13.19 9.01
C ASP F 88 13.44 -14.13 9.42
N ALA F 89 14.35 -13.65 10.26
CA ALA F 89 15.47 -14.48 10.77
C ALA F 89 14.96 -15.68 11.58
N VAL F 90 14.03 -15.45 12.50
CA VAL F 90 13.43 -16.54 13.31
C VAL F 90 12.82 -17.59 12.37
N LYS F 91 12.10 -17.12 11.36
CA LYS F 91 11.48 -18.05 10.38
C LYS F 91 12.58 -18.79 9.60
N ALA F 92 13.62 -18.08 9.20
CA ALA F 92 14.73 -18.69 8.46
C ALA F 92 15.42 -19.76 9.33
N SER F 93 15.49 -19.53 10.65
CA SER F 93 16.12 -20.46 11.61
C SER F 93 15.35 -21.79 11.67
N GLU F 94 14.03 -21.73 11.57
CA GLU F 94 13.17 -22.94 11.69
C GLU F 94 13.21 -23.45 13.15
N LEU F 95 13.76 -22.64 14.05
CA LEU F 95 13.85 -23.01 15.48
C LEU F 95 12.52 -22.74 16.21
N PRO F 96 12.00 -23.70 16.99
CA PRO F 96 10.85 -23.43 17.85
C PRO F 96 11.34 -22.30 18.78
N THR F 97 10.55 -21.24 18.92
CA THR F 97 11.04 -20.06 19.66
C THR F 97 10.10 -19.64 20.79
N VAL F 98 10.67 -19.36 21.95
CA VAL F 98 9.88 -18.80 23.07
C VAL F 98 10.30 -17.33 23.25
N GLU F 99 9.32 -16.43 23.28
CA GLU F 99 9.61 -14.99 23.47
C GLU F 99 9.52 -14.66 24.97
N VAL F 100 10.49 -13.90 25.45
CA VAL F 100 10.52 -13.55 26.89
C VAL F 100 10.65 -12.04 27.09
N HIS F 101 9.87 -11.49 28.00
CA HIS F 101 9.98 -10.07 28.39
C HIS F 101 10.05 -10.02 29.93
N ILE F 102 11.05 -9.32 30.46
CA ILE F 102 11.20 -9.17 31.93
C ILE F 102 10.02 -8.33 32.45
N SER F 103 9.70 -7.25 31.75
CA SER F 103 8.52 -6.41 32.08
C SER F 103 7.26 -6.96 31.41
N ASN F 104 6.10 -6.36 31.68
CA ASN F 104 4.83 -6.70 31.01
C ASN F 104 4.53 -5.54 30.06
N PRO F 105 4.88 -5.66 28.76
CA PRO F 105 4.75 -4.57 27.79
C PRO F 105 3.30 -4.06 27.65
N HIS F 106 2.32 -4.92 27.89
CA HIS F 106 0.88 -4.56 27.74
C HIS F 106 0.44 -3.60 28.85
N ALA F 107 1.20 -3.53 29.94
CA ALA F 107 0.92 -2.56 31.02
C ALA F 107 1.75 -1.28 30.81
N ARG F 108 2.43 -1.20 29.66
CA ARG F 108 3.28 -0.01 29.37
C ARG F 108 2.74 0.79 28.18
N GLU F 109 3.59 1.60 27.54
CA GLU F 109 3.18 2.46 26.41
C GLU F 109 2.62 1.64 25.25
N GLU F 110 1.66 2.20 24.52
CA GLU F 110 0.98 1.46 23.41
C GLU F 110 1.98 0.91 22.38
N PHE F 111 3.05 1.65 22.09
CA PHE F 111 4.04 1.19 21.08
C PHE F 111 4.68 -0.15 21.49
N ARG F 112 4.64 -0.48 22.78
CA ARG F 112 5.20 -1.76 23.31
C ARG F 112 4.17 -2.90 23.26
N HIS F 113 2.93 -2.63 22.88
CA HIS F 113 1.85 -3.66 22.84
C HIS F 113 1.93 -4.52 21.57
N HIS F 114 2.85 -4.20 20.67
CA HIS F 114 2.96 -4.92 19.39
C HIS F 114 4.28 -5.71 19.32
N SER F 115 4.20 -6.99 18.96
CA SER F 115 5.41 -7.83 18.77
C SER F 115 5.36 -8.58 17.44
N TYR F 116 6.39 -8.43 16.62
CA TYR F 116 6.51 -9.23 15.38
C TYR F 116 6.85 -10.69 15.74
N ILE F 117 7.64 -10.88 16.78
CA ILE F 117 8.10 -12.25 17.18
C ILE F 117 6.93 -13.08 17.71
N SER F 118 5.97 -12.43 18.36
CA SER F 118 4.81 -13.14 18.94
C SER F 118 4.01 -13.87 17.84
N LEU F 119 4.10 -13.41 16.60
CA LEU F 119 3.43 -14.07 15.44
C LEU F 119 4.07 -15.44 15.17
N ALA F 120 5.35 -15.60 15.45
CA ALA F 120 6.06 -16.85 15.12
C ALA F 120 6.35 -17.69 16.38
N ALA F 121 6.35 -17.07 17.55
CA ALA F 121 6.75 -17.79 18.78
C ALA F 121 5.73 -18.88 19.17
N VAL F 122 6.25 -20.02 19.63
CA VAL F 122 5.36 -21.08 20.18
C VAL F 122 4.76 -20.54 21.49
N SER F 123 5.56 -19.80 22.26
CA SER F 123 5.10 -19.28 23.57
C SER F 123 5.64 -17.88 23.87
N VAL F 124 4.87 -17.10 24.62
CA VAL F 124 5.28 -15.74 25.04
C VAL F 124 5.12 -15.62 26.56
N ILE F 125 6.18 -15.20 27.25
CA ILE F 125 6.22 -15.07 28.74
C ILE F 125 6.60 -13.63 29.08
N ALA F 126 5.78 -12.95 29.85
CA ALA F 126 6.02 -11.53 30.17
C ALA F 126 5.75 -11.21 31.65
N GLY F 127 6.60 -10.38 32.26
CA GLY F 127 6.36 -9.89 33.63
C GLY F 127 6.85 -10.80 34.73
N ALA F 128 7.47 -11.93 34.39
CA ALA F 128 7.96 -12.90 35.39
C ALA F 128 9.40 -12.57 35.79
N GLY F 129 9.91 -11.40 35.39
CA GLY F 129 11.32 -11.07 35.63
C GLY F 129 12.22 -12.07 34.92
N ILE F 130 13.40 -12.31 35.48
CA ILE F 130 14.38 -13.24 34.82
C ILE F 130 13.89 -14.70 34.91
N GLN F 131 12.89 -14.97 35.74
CA GLN F 131 12.32 -16.34 35.85
C GLN F 131 11.67 -16.76 34.52
N GLY F 132 11.22 -15.79 33.72
CA GLY F 132 10.69 -16.11 32.37
C GLY F 132 11.65 -16.99 31.57
N TYR F 133 12.95 -16.75 31.70
CA TYR F 133 13.97 -17.52 30.96
C TYR F 133 13.96 -18.99 31.41
N ARG F 134 13.79 -19.23 32.70
CA ARG F 134 13.73 -20.61 33.25
C ARG F 134 12.50 -21.32 32.67
N PHE F 135 11.35 -20.66 32.68
CA PHE F 135 10.11 -21.25 32.10
C PHE F 135 10.31 -21.55 30.61
N ALA F 136 10.95 -20.61 29.90
CA ALA F 136 11.18 -20.76 28.45
C ALA F 136 12.05 -22.01 28.17
N VAL F 137 13.11 -22.21 28.95
CA VAL F 137 13.98 -23.42 28.81
C VAL F 137 13.11 -24.66 29.05
N ASP F 138 12.28 -24.63 30.07
CA ASP F 138 11.38 -25.76 30.40
C ASP F 138 10.47 -26.07 29.19
N ILE F 139 9.91 -25.04 28.57
CA ILE F 139 9.03 -25.23 27.40
C ILE F 139 9.84 -25.93 26.29
N LEU F 140 11.03 -25.46 25.97
CA LEU F 140 11.79 -26.07 24.83
C LEU F 140 12.23 -27.50 25.18
N ALA F 141 12.52 -27.76 26.44
CA ALA F 141 13.00 -29.10 26.86
C ALA F 141 11.87 -30.12 26.73
N ASN F 142 10.63 -29.70 26.94
CA ASN F 142 9.48 -30.62 26.93
C ASN F 142 8.89 -30.73 25.51
N LEU F 143 9.27 -29.83 24.62
CA LEU F 143 8.84 -29.89 23.19
C LEU F 143 9.61 -31.02 22.50
S SO4 G . -21.19 -0.01 -18.21
O1 SO4 G . -21.03 1.35 -18.59
O2 SO4 G . -20.98 -0.15 -16.81
O3 SO4 G . -20.25 -0.81 -18.93
O4 SO4 G . -22.53 -0.44 -18.53
S SO4 H . -16.55 14.70 8.30
O1 SO4 H . -15.92 13.87 9.30
O2 SO4 H . -15.95 16.02 8.31
O3 SO4 H . -16.40 14.06 7.00
O4 SO4 H . -17.95 14.87 8.65
C1 DQA I . -25.45 14.16 -6.24
C2 DQA I . -24.91 13.80 -4.86
C3 DQA I . -24.29 12.40 -4.83
O3 DQA I . -23.84 12.12 -3.51
C4 DQA I . -25.32 11.35 -5.23
O4 DQA I . -24.74 10.06 -5.27
C5 DQA I . -25.98 11.70 -6.55
C6 DQA I . -26.45 13.11 -6.69
C DQA I . -26.15 15.54 -6.27
O1 DQA I . -26.56 16.01 -5.26
O2 DQA I . -26.34 16.08 -7.33
O5 DQA I . -26.09 10.88 -7.45
O6 DQA I . -24.33 14.19 -7.12
C1 GOL J . -29.38 10.84 -7.68
O1 GOL J . -29.15 9.69 -6.87
C2 GOL J . -30.86 10.98 -8.01
O2 GOL J . -31.36 9.70 -8.42
C3 GOL J . -31.14 12.03 -9.06
O3 GOL J . -32.38 11.81 -9.70
C1 GOL K . -1.75 16.92 -28.84
O1 GOL K . -1.06 16.74 -27.60
C2 GOL K . -3.17 17.37 -28.62
O2 GOL K . -3.21 18.45 -27.69
C3 GOL K . -4.10 16.27 -28.16
O3 GOL K . -5.46 16.72 -28.10
C1 DQA L . -1.72 3.63 -13.98
C2 DQA L . -1.69 4.17 -12.56
C3 DQA L . -3.09 4.39 -11.99
O3 DQA L . -2.96 4.95 -10.68
C4 DQA L . -3.90 5.35 -12.85
O4 DQA L . -5.22 5.47 -12.36
C5 DQA L . -3.90 4.93 -14.30
C6 DQA L . -2.56 4.55 -14.87
C DQA L . -0.30 3.48 -14.59
O1 DQA L . 0.62 4.01 -14.06
O2 DQA L . -0.16 2.85 -15.60
O5 DQA L . -4.92 4.89 -14.95
O6 DQA L . -2.30 2.33 -13.94
C1 GOL M . -2.86 7.47 -19.18
O1 GOL M . -3.25 7.33 -20.54
C2 GOL M . -4.13 7.58 -18.37
O2 GOL M . -4.67 8.90 -18.49
C3 GOL M . -3.97 7.14 -16.95
O3 GOL M . -4.89 7.84 -16.11
C1 GOL N . -14.44 -25.47 -17.02
O1 GOL N . -13.87 -25.43 -15.71
C2 GOL N . -13.47 -24.99 -18.07
O2 GOL N . -13.90 -25.41 -19.35
C3 GOL N . -13.26 -23.49 -18.07
O3 GOL N . -14.18 -22.83 -18.92
S SO4 O . -42.70 6.03 -12.73
O1 SO4 O . -42.60 6.24 -11.31
O2 SO4 O . -42.90 7.29 -13.38
O3 SO4 O . -41.48 5.43 -13.20
O4 SO4 O . -43.80 5.16 -13.00
C1 GOL P . -19.67 -12.93 -20.44
O1 GOL P . -18.91 -12.40 -21.52
C2 GOL P . -21.07 -12.32 -20.36
O2 GOL P . -21.97 -12.92 -21.34
C3 GOL P . -21.69 -12.46 -18.98
O3 GOL P . -22.62 -11.42 -18.66
C1 DQA Q . -20.90 -12.49 -3.61
C2 DQA Q . -19.95 -11.98 -2.51
C3 DQA Q . -19.10 -10.82 -3.01
O3 DQA Q . -18.22 -10.42 -1.97
C4 DQA Q . -18.26 -11.24 -4.22
O4 DQA Q . -17.56 -10.12 -4.73
C5 DQA Q . -19.11 -11.87 -5.30
C6 DQA Q . -20.10 -12.89 -4.83
C DQA Q . -21.73 -13.73 -3.18
O1 DQA Q . -21.31 -14.42 -2.29
O2 DQA Q . -22.71 -14.02 -3.78
O5 DQA Q . -19.01 -11.55 -6.46
O6 DQA Q . -21.79 -11.43 -3.88
C1 GOL R . -19.55 -16.39 -8.77
O1 GOL R . -19.21 -17.21 -9.88
C2 GOL R . -18.80 -15.09 -8.82
O2 GOL R . -19.39 -14.14 -7.93
C3 GOL R . -17.32 -15.23 -8.54
O3 GOL R . -16.81 -14.08 -7.89
S SO4 S . 28.96 15.19 -4.85
O1 SO4 S . 30.11 15.89 -4.36
O2 SO4 S . 27.79 15.63 -4.15
O3 SO4 S . 28.79 15.46 -6.26
O4 SO4 S . 29.16 13.78 -4.64
S SO4 T . 5.39 7.95 19.47
O1 SO4 T . 4.98 7.00 20.46
O2 SO4 T . 5.32 9.27 20.03
O3 SO4 T . 4.53 7.88 18.33
O4 SO4 T . 6.75 7.68 19.07
C1 DQA U . 16.61 14.88 10.46
C2 DQA U . 15.11 14.66 10.20
C3 DQA U . 14.76 13.20 10.05
O3 DQA U . 13.36 13.09 9.76
C4 DQA U . 15.53 12.59 8.89
O4 DQA U . 15.26 11.20 8.79
C5 DQA U . 17.02 12.84 9.02
C6 DQA U . 17.41 14.26 9.34
C DQA U . 16.97 16.37 10.57
O1 DQA U . 17.99 16.67 11.10
O2 DQA U . 16.26 17.19 10.09
O5 DQA U . 17.84 11.95 8.89
O6 DQA U . 16.90 14.26 11.71
C1 GOL V . 21.07 14.90 5.56
O1 GOL V . 22.40 14.55 5.93
C2 GOL V . 20.18 13.73 5.13
O2 GOL V . 20.87 12.75 4.35
C3 GOL V . 19.50 13.04 6.29
O3 GOL V . 20.31 13.20 7.44
C1 DQA W . 11.27 -9.63 0.40
C2 DQA W . 9.87 -9.40 1.00
C3 DQA W . 9.95 -8.84 2.42
O3 DQA W . 8.62 -8.67 2.91
C4 DQA W . 10.68 -9.82 3.33
O4 DQA W . 10.78 -9.30 4.64
C5 DQA W . 12.04 -10.17 2.77
C6 DQA W . 12.08 -10.52 1.32
C DQA W . 11.22 -10.28 -0.99
O1 DQA W . 12.20 -10.37 -1.67
O2 DQA W . 10.18 -10.75 -1.36
O5 DQA W . 13.05 -10.16 3.46
O6 DQA W . 11.87 -8.35 0.29
C1 GOL X . 14.97 -15.58 2.41
O1 GOL X . 16.01 -15.22 1.50
C2 GOL X . 14.93 -14.64 3.60
O2 GOL X . 14.06 -15.14 4.59
C3 GOL X . 14.57 -13.22 3.23
O3 GOL X . 13.40 -13.17 2.44
S SO4 Y . 24.79 -2.45 13.57
O1 SO4 Y . 25.88 -1.91 14.33
O2 SO4 Y . 23.57 -1.80 13.96
O3 SO4 Y . 25.02 -2.25 12.19
O4 SO4 Y . 24.68 -3.85 13.84
S SO4 Z . 26.52 3.13 37.59
O1 SO4 Z . 27.66 2.27 37.82
O2 SO4 Z . 26.61 4.29 38.44
O3 SO4 Z . 26.54 3.56 36.21
O4 SO4 Z . 25.31 2.44 37.91
S SO4 AA . 19.41 -26.97 5.48
O1 SO4 AA . 18.90 -26.21 6.59
O2 SO4 AA . 20.78 -26.59 5.27
O3 SO4 AA . 18.63 -26.72 4.28
O4 SO4 AA . 19.32 -28.36 5.80
S SO4 BA . -4.13 -2.58 23.36
O1 SO4 BA . -3.21 -1.86 22.49
O2 SO4 BA . -4.12 -2.00 24.69
O3 SO4 BA . -3.74 -3.97 23.42
O4 SO4 BA . -5.47 -2.46 22.84
C1 DQA CA . 11.69 -5.83 27.29
C2 DQA CA . 10.45 -5.01 26.98
C3 DQA CA . 10.63 -4.14 25.73
O3 DQA CA . 9.44 -3.38 25.53
C4 DQA CA . 11.80 -3.18 25.93
O4 DQA CA . 12.01 -2.43 24.76
C5 DQA CA . 13.04 -3.93 26.34
C6 DQA CA . 12.89 -4.92 27.46
C DQA CA . 11.52 -6.68 28.56
O1 DQA CA . 10.66 -6.40 29.34
O2 DQA CA . 12.28 -7.57 28.79
O5 DQA CA . 14.11 -3.75 25.78
O6 DQA CA . 11.90 -6.72 26.19
C1 GOL DA . 16.98 -3.38 30.26
O1 GOL DA . 18.34 -3.71 30.49
C2 GOL DA . 16.88 -2.59 28.98
O2 GOL DA . 17.36 -1.27 29.20
C3 GOL DA . 15.51 -2.58 28.39
O3 GOL DA . 15.50 -1.85 27.17
#